data_1AP1
# 
_entry.id   1AP1 
# 
_audit_conform.dict_name       mmcif_pdbx.dic 
_audit_conform.dict_version    5.392 
_audit_conform.dict_location   http://mmcif.pdb.org/dictionaries/ascii/mmcif_pdbx.dic 
# 
loop_
_database_2.database_id 
_database_2.database_code 
_database_2.pdbx_database_accession 
_database_2.pdbx_DOI 
PDB   1AP1         pdb_00001ap1 10.2210/pdb1ap1/pdb 
WWPDB D_1000171082 ?            ?                   
# 
loop_
_pdbx_audit_revision_history.ordinal 
_pdbx_audit_revision_history.data_content_type 
_pdbx_audit_revision_history.major_revision 
_pdbx_audit_revision_history.minor_revision 
_pdbx_audit_revision_history.revision_date 
1 'Structure model' 1 0 1998-07-22 
2 'Structure model' 1 1 2008-03-24 
3 'Structure model' 1 2 2011-07-13 
4 'Structure model' 1 3 2022-02-16 
5 'Structure model' 1 4 2024-05-22 
# 
_pdbx_audit_revision_details.ordinal             1 
_pdbx_audit_revision_details.revision_ordinal    1 
_pdbx_audit_revision_details.data_content_type   'Structure model' 
_pdbx_audit_revision_details.provider            repository 
_pdbx_audit_revision_details.type                'Initial release' 
_pdbx_audit_revision_details.description         ? 
_pdbx_audit_revision_details.details             ? 
# 
loop_
_pdbx_audit_revision_group.ordinal 
_pdbx_audit_revision_group.revision_ordinal 
_pdbx_audit_revision_group.data_content_type 
_pdbx_audit_revision_group.group 
1 2 'Structure model' 'Version format compliance' 
2 3 'Structure model' 'Version format compliance' 
3 4 'Structure model' 'Data collection'           
4 4 'Structure model' 'Database references'       
5 4 'Structure model' 'Derived calculations'      
6 4 'Structure model' Other                       
7 5 'Structure model' 'Data collection'           
# 
loop_
_pdbx_audit_revision_category.ordinal 
_pdbx_audit_revision_category.revision_ordinal 
_pdbx_audit_revision_category.data_content_type 
_pdbx_audit_revision_category.category 
1 4 'Structure model' database_2            
2 4 'Structure model' pdbx_database_status  
3 4 'Structure model' pdbx_nmr_software     
4 4 'Structure model' pdbx_struct_assembly  
5 4 'Structure model' pdbx_struct_oper_list 
6 4 'Structure model' struct_conn           
7 5 'Structure model' chem_comp_atom        
8 5 'Structure model' chem_comp_bond        
# 
loop_
_pdbx_audit_revision_item.ordinal 
_pdbx_audit_revision_item.revision_ordinal 
_pdbx_audit_revision_item.data_content_type 
_pdbx_audit_revision_item.item 
1  4 'Structure model' '_database_2.pdbx_DOI'                
2  4 'Structure model' '_database_2.pdbx_database_accession' 
3  4 'Structure model' '_pdbx_database_status.process_site'  
4  4 'Structure model' '_pdbx_nmr_software.name'             
5  4 'Structure model' '_struct_conn.pdbx_leaving_atom_flag' 
6  4 'Structure model' '_struct_conn.ptnr1_auth_comp_id'     
7  4 'Structure model' '_struct_conn.ptnr1_auth_seq_id'      
8  4 'Structure model' '_struct_conn.ptnr1_label_atom_id'    
9  4 'Structure model' '_struct_conn.ptnr1_label_comp_id'    
10 4 'Structure model' '_struct_conn.ptnr1_label_seq_id'     
11 4 'Structure model' '_struct_conn.ptnr2_auth_comp_id'     
12 4 'Structure model' '_struct_conn.ptnr2_auth_seq_id'      
13 4 'Structure model' '_struct_conn.ptnr2_label_atom_id'    
14 4 'Structure model' '_struct_conn.ptnr2_label_comp_id'    
15 4 'Structure model' '_struct_conn.ptnr2_label_seq_id'     
# 
_pdbx_database_status.status_code                     REL 
_pdbx_database_status.entry_id                        1AP1 
_pdbx_database_status.recvd_initial_deposition_date   1997-07-22 
_pdbx_database_status.deposit_site                    ? 
_pdbx_database_status.process_site                    BNL 
_pdbx_database_status.SG_entry                        . 
_pdbx_database_status.pdb_format_compatible           Y 
_pdbx_database_status.status_code_mr                  ? 
_pdbx_database_status.status_code_sf                  ? 
_pdbx_database_status.status_code_cs                  ? 
_pdbx_database_status.status_code_nmr_data            ? 
_pdbx_database_status.methods_development_category    ? 
# 
loop_
_audit_author.name 
_audit_author.pdbx_ordinal 
'Setayesh, F.R.' 1 
'Stone, M.P.'    2 
# 
_citation.id                        primary 
_citation.title                     
;Styrene oxide adducts in an oligodeoxynucleotide containing the human N-ras codon 12: minor groove structures of the R(12,1)- and S(12,1)-alpha-(N2-guanyl) stereoisomers determined by 1H nuclear magnetic resonance.
;
_citation.journal_abbrev            Chem.Res.Toxicol. 
_citation.journal_volume            11 
_citation.page_first                766 
_citation.page_last                 777 
_citation.year                      1998 
_citation.journal_id_ASTM           CRTOEC 
_citation.country                   US 
_citation.journal_id_ISSN           0893-228X 
_citation.journal_id_CSD            2140 
_citation.book_publisher            ? 
_citation.pdbx_database_id_PubMed   9671539 
_citation.pdbx_database_id_DOI      10.1021/tx9800147 
# 
loop_
_citation_author.citation_id 
_citation_author.name 
_citation_author.ordinal 
_citation_author.identifier_ORCID 
primary 'Setayesh, F.R.' 1 ? 
primary 'DeCorte, B.L.'  2 ? 
primary 'Horton, P.'     3 ? 
primary 'Harris, C.M.'   4 ? 
primary 'Harris, T.M.'   5 ? 
primary 'Stone, M.P.'    6 ? 
# 
loop_
_entity.id 
_entity.type 
_entity.src_method 
_entity.pdbx_description 
_entity.formula_weight 
_entity.pdbx_number_of_molecules 
_entity.pdbx_ec 
_entity.pdbx_mutation 
_entity.pdbx_fragment 
_entity.details 
1 polymer syn 
;DNA (5'-D(*GP*GP*CP*AP*GSSP*GP*TP*GP*GP*TP*G)-3')
;
3590.406 1 ? ? ? 'HUMAN N-RAS PROTOONCOGENE' 
2 polymer syn 
;DNA (5'-D(*CP*AP*CP*CP*AP*CP*CP*TP*GP*CP*C)-3')
;
3239.127 1 ? ? ? 'HUMAN N-RAS PROTOONCOGENE' 
# 
loop_
_entity_poly.entity_id 
_entity_poly.type 
_entity_poly.nstd_linkage 
_entity_poly.nstd_monomer 
_entity_poly.pdbx_seq_one_letter_code 
_entity_poly.pdbx_seq_one_letter_code_can 
_entity_poly.pdbx_strand_id 
_entity_poly.pdbx_target_identifier 
1 polydeoxyribonucleotide no yes '(DG)(DG)(DC)(DA)(GSS)(DG)(DT)(DG)(DG)(DT)(DG)' GGCAGGTGGTG A ? 
2 polydeoxyribonucleotide no no  '(DC)(DA)(DC)(DC)(DA)(DC)(DC)(DT)(DG)(DC)(DC)'  CACCACCTGCC B ? 
# 
loop_
_entity_poly_seq.entity_id 
_entity_poly_seq.num 
_entity_poly_seq.mon_id 
_entity_poly_seq.hetero 
1 1  DG  n 
1 2  DG  n 
1 3  DC  n 
1 4  DA  n 
1 5  GSS n 
1 6  DG  n 
1 7  DT  n 
1 8  DG  n 
1 9  DG  n 
1 10 DT  n 
1 11 DG  n 
2 1  DC  n 
2 2  DA  n 
2 3  DC  n 
2 4  DC  n 
2 5  DA  n 
2 6  DC  n 
2 7  DC  n 
2 8  DT  n 
2 9  DG  n 
2 10 DC  n 
2 11 DC  n 
# 
loop_
_chem_comp.id 
_chem_comp.type 
_chem_comp.mon_nstd_flag 
_chem_comp.name 
_chem_comp.pdbx_synonyms 
_chem_comp.formula 
_chem_comp.formula_weight 
DA  'DNA linking' y "2'-DEOXYADENOSINE-5'-MONOPHOSPHATE"                   ? 'C10 H14 N5 O6 P' 331.222 
DC  'DNA linking' y "2'-DEOXYCYTIDINE-5'-MONOPHOSPHATE"                    ? 'C9 H14 N3 O7 P'  307.197 
DG  'DNA linking' y "2'-DEOXYGUANOSINE-5'-MONOPHOSPHATE"                   ? 'C10 H14 N5 O7 P' 347.221 
DT  'DNA linking' y "THYMIDINE-5'-MONOPHOSPHATE"                           ? 'C10 H15 N2 O8 P' 322.208 
GSS 'DNA linking' n 
;2'-DEOXY-N2-(S)STYRENE OXIDE GUANOSINE MONOPHOSPHATE
;
? 'C18 H22 N5 O8 P' 467.370 
# 
loop_
_pdbx_poly_seq_scheme.asym_id 
_pdbx_poly_seq_scheme.entity_id 
_pdbx_poly_seq_scheme.seq_id 
_pdbx_poly_seq_scheme.mon_id 
_pdbx_poly_seq_scheme.ndb_seq_num 
_pdbx_poly_seq_scheme.pdb_seq_num 
_pdbx_poly_seq_scheme.auth_seq_num 
_pdbx_poly_seq_scheme.pdb_mon_id 
_pdbx_poly_seq_scheme.auth_mon_id 
_pdbx_poly_seq_scheme.pdb_strand_id 
_pdbx_poly_seq_scheme.pdb_ins_code 
_pdbx_poly_seq_scheme.hetero 
A 1 1  DG  1  1  1  DG  G   A . n 
A 1 2  DG  2  2  2  DG  G   A . n 
A 1 3  DC  3  3  3  DC  C   A . n 
A 1 4  DA  4  4  4  DA  A   A . n 
A 1 5  GSS 5  5  5  GSS GSS A . n 
A 1 6  DG  6  6  6  DG  G   A . n 
A 1 7  DT  7  7  7  DT  T   A . n 
A 1 8  DG  8  8  8  DG  G   A . n 
A 1 9  DG  9  9  9  DG  G   A . n 
A 1 10 DT  10 10 10 DT  T   A . n 
A 1 11 DG  11 11 11 DG  G   A . n 
B 2 1  DC  1  12 12 DC  C   B . n 
B 2 2  DA  2  13 13 DA  A   B . n 
B 2 3  DC  3  14 14 DC  C   B . n 
B 2 4  DC  4  15 15 DC  C   B . n 
B 2 5  DA  5  16 16 DA  A   B . n 
B 2 6  DC  6  17 17 DC  C   B . n 
B 2 7  DC  7  18 18 DC  C   B . n 
B 2 8  DT  8  19 19 DT  T   B . n 
B 2 9  DG  9  20 20 DG  G   B . n 
B 2 10 DC  10 21 21 DC  C   B . n 
B 2 11 DC  11 22 22 DC  C   B . n 
# 
loop_
_software.name 
_software.classification 
_software.version 
_software.citation_id 
_software.pdbx_ordinal 
X-PLOR 'model building' 3.1 ? 1 
X-PLOR refinement       3.1 ? 2 
X-PLOR phasing          3.1 ? 3 
# 
_cell.entry_id           1AP1 
_cell.length_a           1.000 
_cell.length_b           1.000 
_cell.length_c           1.000 
_cell.angle_alpha        90.00 
_cell.angle_beta         90.00 
_cell.angle_gamma        90.00 
_cell.Z_PDB              1 
_cell.pdbx_unique_axis   ? 
# 
_symmetry.entry_id                         1AP1 
_symmetry.space_group_name_H-M             'P 1' 
_symmetry.pdbx_full_space_group_name_H-M   ? 
_symmetry.cell_setting                     ? 
_symmetry.Int_Tables_number                1 
# 
_exptl.entry_id          1AP1 
_exptl.method            'SOLUTION NMR' 
_exptl.crystals_number   ? 
# 
_struct.entry_id                  1AP1 
_struct.title                     
;THE SOLUTION NMR STRUCTURE OF AN S-STYRENE OXIDE ADDUCT AT THE N2 POSITION OF GUANINE OF AN 11 BASE-PAIR OLIGONUCLEOTIDE SEQUENCE CODING FOR AMINO ACIDS 11-13 OF THE PRODUCT OF THE N-RAS PROTOONCOGENE, MINIMIZED AVERAGE STRUCTURE
;
_struct.pdbx_model_details        ? 
_struct.pdbx_CASP_flag            ? 
_struct.pdbx_model_type_details   ? 
# 
_struct_keywords.entry_id        1AP1 
_struct_keywords.pdbx_keywords   DNA 
_struct_keywords.text            
'DNA DUPLEX, HUMAN N-RAS GENE, CODON 12 SEQUENCE, S-STYRENE OXIDE, MINOR GROOVE ADDUCT, DEOXYRIBONUCLEIC ACID, DNA' 
# 
loop_
_struct_asym.id 
_struct_asym.pdbx_blank_PDB_chainid_flag 
_struct_asym.pdbx_modified 
_struct_asym.entity_id 
_struct_asym.details 
A N N 1 ? 
B N N 2 ? 
# 
loop_
_struct_ref.id 
_struct_ref.entity_id 
_struct_ref.db_name 
_struct_ref.db_code 
_struct_ref.pdbx_db_accession 
_struct_ref.pdbx_db_isoform 
_struct_ref.pdbx_seq_one_letter_code 
_struct_ref.pdbx_align_begin 
1 1 PDB 1AP1 1AP1 ? ? ? 
2 2 PDB 1AP1 1AP1 ? ? ? 
# 
loop_
_struct_ref_seq.align_id 
_struct_ref_seq.ref_id 
_struct_ref_seq.pdbx_PDB_id_code 
_struct_ref_seq.pdbx_strand_id 
_struct_ref_seq.seq_align_beg 
_struct_ref_seq.pdbx_seq_align_beg_ins_code 
_struct_ref_seq.seq_align_end 
_struct_ref_seq.pdbx_seq_align_end_ins_code 
_struct_ref_seq.pdbx_db_accession 
_struct_ref_seq.db_align_beg 
_struct_ref_seq.pdbx_db_align_beg_ins_code 
_struct_ref_seq.db_align_end 
_struct_ref_seq.pdbx_db_align_end_ins_code 
_struct_ref_seq.pdbx_auth_seq_align_beg 
_struct_ref_seq.pdbx_auth_seq_align_end 
1 1 1AP1 A 1 ? 11 ? 1AP1 1  ? 11 ? 1  11 
2 2 1AP1 B 1 ? 11 ? 1AP1 12 ? 22 ? 12 22 
# 
_pdbx_struct_assembly.id                   1 
_pdbx_struct_assembly.details              author_defined_assembly 
_pdbx_struct_assembly.method_details       ? 
_pdbx_struct_assembly.oligomeric_details   dimeric 
_pdbx_struct_assembly.oligomeric_count     2 
# 
_pdbx_struct_assembly_gen.assembly_id       1 
_pdbx_struct_assembly_gen.oper_expression   1 
_pdbx_struct_assembly_gen.asym_id_list      A,B 
# 
_pdbx_struct_oper_list.id                   1 
_pdbx_struct_oper_list.type                 'identity operation' 
_pdbx_struct_oper_list.name                 1_555 
_pdbx_struct_oper_list.symmetry_operation   x,y,z 
_pdbx_struct_oper_list.matrix[1][1]         1.0000000000 
_pdbx_struct_oper_list.matrix[1][2]         0.0000000000 
_pdbx_struct_oper_list.matrix[1][3]         0.0000000000 
_pdbx_struct_oper_list.vector[1]            0.0000000000 
_pdbx_struct_oper_list.matrix[2][1]         0.0000000000 
_pdbx_struct_oper_list.matrix[2][2]         1.0000000000 
_pdbx_struct_oper_list.matrix[2][3]         0.0000000000 
_pdbx_struct_oper_list.vector[2]            0.0000000000 
_pdbx_struct_oper_list.matrix[3][1]         0.0000000000 
_pdbx_struct_oper_list.matrix[3][2]         0.0000000000 
_pdbx_struct_oper_list.matrix[3][3]         1.0000000000 
_pdbx_struct_oper_list.vector[3]            0.0000000000 
# 
_struct_biol.id   1 
# 
loop_
_struct_conn.id 
_struct_conn.conn_type_id 
_struct_conn.pdbx_leaving_atom_flag 
_struct_conn.pdbx_PDB_id 
_struct_conn.ptnr1_label_asym_id 
_struct_conn.ptnr1_label_comp_id 
_struct_conn.ptnr1_label_seq_id 
_struct_conn.ptnr1_label_atom_id 
_struct_conn.pdbx_ptnr1_label_alt_id 
_struct_conn.pdbx_ptnr1_PDB_ins_code 
_struct_conn.pdbx_ptnr1_standard_comp_id 
_struct_conn.ptnr1_symmetry 
_struct_conn.ptnr2_label_asym_id 
_struct_conn.ptnr2_label_comp_id 
_struct_conn.ptnr2_label_seq_id 
_struct_conn.ptnr2_label_atom_id 
_struct_conn.pdbx_ptnr2_label_alt_id 
_struct_conn.pdbx_ptnr2_PDB_ins_code 
_struct_conn.ptnr1_auth_asym_id 
_struct_conn.ptnr1_auth_comp_id 
_struct_conn.ptnr1_auth_seq_id 
_struct_conn.ptnr2_auth_asym_id 
_struct_conn.ptnr2_auth_comp_id 
_struct_conn.ptnr2_auth_seq_id 
_struct_conn.ptnr2_symmetry 
_struct_conn.pdbx_ptnr3_label_atom_id 
_struct_conn.pdbx_ptnr3_label_seq_id 
_struct_conn.pdbx_ptnr3_label_comp_id 
_struct_conn.pdbx_ptnr3_label_asym_id 
_struct_conn.pdbx_ptnr3_label_alt_id 
_struct_conn.pdbx_ptnr3_PDB_ins_code 
_struct_conn.details 
_struct_conn.pdbx_dist_value 
_struct_conn.pdbx_value_order 
_struct_conn.pdbx_role 
covale1  covale both ? A DA  4  "O3'" ? ? ? 1_555 A GSS 5  P  ? ? A DA  4  A GSS 5  1_555 ? ? ? ? ? ? ?            1.610 ? ? 
covale2  covale both ? A GSS 5  "O3'" ? ? ? 1_555 A DG  6  P  ? ? A GSS 5  A DG  6  1_555 ? ? ? ? ? ? ?            1.614 ? ? 
hydrog1  hydrog ?    ? A DG  1  N1    ? ? ? 1_555 B DC  11 N3 ? ? A DG  1  B DC  22 1_555 ? ? ? ? ? ? WATSON-CRICK ?     ? ? 
hydrog2  hydrog ?    ? A DG  1  N2    ? ? ? 1_555 B DC  11 O2 ? ? A DG  1  B DC  22 1_555 ? ? ? ? ? ? WATSON-CRICK ?     ? ? 
hydrog3  hydrog ?    ? A DG  1  O6    ? ? ? 1_555 B DC  11 N4 ? ? A DG  1  B DC  22 1_555 ? ? ? ? ? ? WATSON-CRICK ?     ? ? 
hydrog4  hydrog ?    ? A DG  2  N1    ? ? ? 1_555 B DC  10 N3 ? ? A DG  2  B DC  21 1_555 ? ? ? ? ? ? WATSON-CRICK ?     ? ? 
hydrog5  hydrog ?    ? A DG  2  N2    ? ? ? 1_555 B DC  10 O2 ? ? A DG  2  B DC  21 1_555 ? ? ? ? ? ? WATSON-CRICK ?     ? ? 
hydrog6  hydrog ?    ? A DG  2  O6    ? ? ? 1_555 B DC  10 N4 ? ? A DG  2  B DC  21 1_555 ? ? ? ? ? ? WATSON-CRICK ?     ? ? 
hydrog7  hydrog ?    ? A DC  3  N3    ? ? ? 1_555 B DG  9  N1 ? ? A DC  3  B DG  20 1_555 ? ? ? ? ? ? WATSON-CRICK ?     ? ? 
hydrog8  hydrog ?    ? A DC  3  N4    ? ? ? 1_555 B DG  9  O6 ? ? A DC  3  B DG  20 1_555 ? ? ? ? ? ? WATSON-CRICK ?     ? ? 
hydrog9  hydrog ?    ? A DC  3  O2    ? ? ? 1_555 B DG  9  N2 ? ? A DC  3  B DG  20 1_555 ? ? ? ? ? ? WATSON-CRICK ?     ? ? 
hydrog10 hydrog ?    ? A DA  4  N1    ? ? ? 1_555 B DT  8  N3 ? ? A DA  4  B DT  19 1_555 ? ? ? ? ? ? WATSON-CRICK ?     ? ? 
hydrog11 hydrog ?    ? A DA  4  N6    ? ? ? 1_555 B DT  8  O4 ? ? A DA  4  B DT  19 1_555 ? ? ? ? ? ? WATSON-CRICK ?     ? ? 
hydrog12 hydrog ?    ? A GSS 5  N1    ? ? ? 1_555 B DC  7  N3 ? ? A GSS 5  B DC  18 1_555 ? ? ? ? ? ? WATSON-CRICK ?     ? ? 
hydrog13 hydrog ?    ? A GSS 5  N2    ? ? ? 1_555 B DC  7  O2 ? ? A GSS 5  B DC  18 1_555 ? ? ? ? ? ? WATSON-CRICK ?     ? ? 
hydrog14 hydrog ?    ? A GSS 5  O6    ? ? ? 1_555 B DC  7  N4 ? ? A GSS 5  B DC  18 1_555 ? ? ? ? ? ? WATSON-CRICK ?     ? ? 
hydrog15 hydrog ?    ? A DG  6  N1    ? ? ? 1_555 B DC  6  N3 ? ? A DG  6  B DC  17 1_555 ? ? ? ? ? ? WATSON-CRICK ?     ? ? 
hydrog16 hydrog ?    ? A DG  6  N2    ? ? ? 1_555 B DC  6  O2 ? ? A DG  6  B DC  17 1_555 ? ? ? ? ? ? WATSON-CRICK ?     ? ? 
hydrog17 hydrog ?    ? A DG  6  O6    ? ? ? 1_555 B DC  6  N4 ? ? A DG  6  B DC  17 1_555 ? ? ? ? ? ? WATSON-CRICK ?     ? ? 
hydrog18 hydrog ?    ? A DT  7  N3    ? ? ? 1_555 B DA  5  N1 ? ? A DT  7  B DA  16 1_555 ? ? ? ? ? ? WATSON-CRICK ?     ? ? 
hydrog19 hydrog ?    ? A DT  7  O4    ? ? ? 1_555 B DA  5  N6 ? ? A DT  7  B DA  16 1_555 ? ? ? ? ? ? WATSON-CRICK ?     ? ? 
hydrog20 hydrog ?    ? A DG  8  N1    ? ? ? 1_555 B DC  4  N3 ? ? A DG  8  B DC  15 1_555 ? ? ? ? ? ? WATSON-CRICK ?     ? ? 
hydrog21 hydrog ?    ? A DG  8  N2    ? ? ? 1_555 B DC  4  O2 ? ? A DG  8  B DC  15 1_555 ? ? ? ? ? ? WATSON-CRICK ?     ? ? 
hydrog22 hydrog ?    ? A DG  8  O6    ? ? ? 1_555 B DC  4  N4 ? ? A DG  8  B DC  15 1_555 ? ? ? ? ? ? WATSON-CRICK ?     ? ? 
hydrog23 hydrog ?    ? A DG  9  N1    ? ? ? 1_555 B DC  3  N3 ? ? A DG  9  B DC  14 1_555 ? ? ? ? ? ? WATSON-CRICK ?     ? ? 
hydrog24 hydrog ?    ? A DG  9  N2    ? ? ? 1_555 B DC  3  O2 ? ? A DG  9  B DC  14 1_555 ? ? ? ? ? ? WATSON-CRICK ?     ? ? 
hydrog25 hydrog ?    ? A DG  9  O6    ? ? ? 1_555 B DC  3  N4 ? ? A DG  9  B DC  14 1_555 ? ? ? ? ? ? WATSON-CRICK ?     ? ? 
hydrog26 hydrog ?    ? A DT  10 N3    ? ? ? 1_555 B DA  2  N1 ? ? A DT  10 B DA  13 1_555 ? ? ? ? ? ? WATSON-CRICK ?     ? ? 
hydrog27 hydrog ?    ? A DT  10 O4    ? ? ? 1_555 B DA  2  N6 ? ? A DT  10 B DA  13 1_555 ? ? ? ? ? ? WATSON-CRICK ?     ? ? 
hydrog28 hydrog ?    ? A DG  11 N1    ? ? ? 1_555 B DC  1  N3 ? ? A DG  11 B DC  12 1_555 ? ? ? ? ? ? WATSON-CRICK ?     ? ? 
hydrog29 hydrog ?    ? A DG  11 N2    ? ? ? 1_555 B DC  1  O2 ? ? A DG  11 B DC  12 1_555 ? ? ? ? ? ? WATSON-CRICK ?     ? ? 
hydrog30 hydrog ?    ? A DG  11 O6    ? ? ? 1_555 B DC  1  N4 ? ? A DG  11 B DC  12 1_555 ? ? ? ? ? ? WATSON-CRICK ?     ? ? 
# 
loop_
_struct_conn_type.id 
_struct_conn_type.criteria 
_struct_conn_type.reference 
covale ? ? 
hydrog ? ? 
# 
loop_
_pdbx_validate_rmsd_angle.id 
_pdbx_validate_rmsd_angle.PDB_model_num 
_pdbx_validate_rmsd_angle.auth_atom_id_1 
_pdbx_validate_rmsd_angle.auth_asym_id_1 
_pdbx_validate_rmsd_angle.auth_comp_id_1 
_pdbx_validate_rmsd_angle.auth_seq_id_1 
_pdbx_validate_rmsd_angle.PDB_ins_code_1 
_pdbx_validate_rmsd_angle.label_alt_id_1 
_pdbx_validate_rmsd_angle.auth_atom_id_2 
_pdbx_validate_rmsd_angle.auth_asym_id_2 
_pdbx_validate_rmsd_angle.auth_comp_id_2 
_pdbx_validate_rmsd_angle.auth_seq_id_2 
_pdbx_validate_rmsd_angle.PDB_ins_code_2 
_pdbx_validate_rmsd_angle.label_alt_id_2 
_pdbx_validate_rmsd_angle.auth_atom_id_3 
_pdbx_validate_rmsd_angle.auth_asym_id_3 
_pdbx_validate_rmsd_angle.auth_comp_id_3 
_pdbx_validate_rmsd_angle.auth_seq_id_3 
_pdbx_validate_rmsd_angle.PDB_ins_code_3 
_pdbx_validate_rmsd_angle.label_alt_id_3 
_pdbx_validate_rmsd_angle.angle_value 
_pdbx_validate_rmsd_angle.angle_target_value 
_pdbx_validate_rmsd_angle.angle_deviation 
_pdbx_validate_rmsd_angle.angle_standard_deviation 
_pdbx_validate_rmsd_angle.linker_flag 
1  1 "O4'" A DG 1  ? ? "C1'" A DG 1  ? ? N9    A DG 1  ? ? 110.96 108.30 2.66   0.30 N 
2  1 N7    A DG 1  ? ? C8    A DG 1  ? ? N9    A DG 1  ? ? 117.61 113.10 4.51   0.50 N 
3  1 C8    A DG 1  ? ? N9    A DG 1  ? ? C4    A DG 1  ? ? 103.61 106.40 -2.79  0.40 N 
4  1 "O4'" A DG 2  ? ? "C1'" A DG 2  ? ? N9    A DG 2  ? ? 111.46 108.30 3.16   0.30 N 
5  1 N7    A DG 2  ? ? C8    A DG 2  ? ? N9    A DG 2  ? ? 117.60 113.10 4.50   0.50 N 
6  1 C8    A DG 2  ? ? N9    A DG 2  ? ? C4    A DG 2  ? ? 103.61 106.40 -2.79  0.40 N 
7  1 "O4'" A DC 3  ? ? "C1'" A DC 3  ? ? N1    A DC 3  ? ? 111.27 108.30 2.97   0.30 N 
8  1 "O4'" A DA 4  ? ? "C1'" A DA 4  ? ? N9    A DA 4  ? ? 110.63 108.30 2.33   0.30 N 
9  1 N7    A DA 4  ? ? C8    A DA 4  ? ? N9    A DA 4  ? ? 117.63 113.80 3.83   0.50 N 
10 1 "O4'" A DG 6  ? ? "C1'" A DG 6  ? ? N9    A DG 6  ? ? 111.19 108.30 2.89   0.30 N 
11 1 N7    A DG 6  ? ? C8    A DG 6  ? ? N9    A DG 6  ? ? 117.60 113.10 4.50   0.50 N 
12 1 C8    A DG 6  ? ? N9    A DG 6  ? ? C4    A DG 6  ? ? 103.71 106.40 -2.69  0.40 N 
13 1 "O4'" A DT 7  ? ? "C1'" A DT 7  ? ? N1    A DT 7  ? ? 110.93 108.30 2.63   0.30 N 
14 1 "O4'" A DG 8  ? ? "C1'" A DG 8  ? ? N9    A DG 8  ? ? 111.04 108.30 2.74   0.30 N 
15 1 N7    A DG 8  ? ? C8    A DG 8  ? ? N9    A DG 8  ? ? 117.56 113.10 4.46   0.50 N 
16 1 C8    A DG 8  ? ? N9    A DG 8  ? ? C4    A DG 8  ? ? 103.63 106.40 -2.77  0.40 N 
17 1 "O4'" A DG 9  ? ? "C1'" A DG 9  ? ? N9    A DG 9  ? ? 110.96 108.30 2.66   0.30 N 
18 1 N7    A DG 9  ? ? C8    A DG 9  ? ? N9    A DG 9  ? ? 117.61 113.10 4.51   0.50 N 
19 1 C8    A DG 9  ? ? N9    A DG 9  ? ? C4    A DG 9  ? ? 103.63 106.40 -2.77  0.40 N 
20 1 "O4'" A DT 10 ? ? "C1'" A DT 10 ? ? N1    A DT 10 ? ? 111.24 108.30 2.94   0.30 N 
21 1 "O4'" A DG 11 ? ? "C1'" A DG 11 ? ? N9    A DG 11 ? ? 110.69 108.30 2.39   0.30 N 
22 1 N7    A DG 11 ? ? C8    A DG 11 ? ? N9    A DG 11 ? ? 117.66 113.10 4.56   0.50 N 
23 1 C8    A DG 11 ? ? N9    A DG 11 ? ? C4    A DG 11 ? ? 103.61 106.40 -2.79  0.40 N 
24 1 "O4'" B DC 12 ? ? "C1'" B DC 12 ? ? N1    B DC 12 ? ? 110.78 108.30 2.48   0.30 N 
25 1 "O4'" B DA 13 ? ? "C1'" B DA 13 ? ? N9    B DA 13 ? ? 110.78 108.30 2.48   0.30 N 
26 1 N7    B DA 13 ? ? C8    B DA 13 ? ? N9    B DA 13 ? ? 117.44 113.80 3.64   0.50 N 
27 1 "O4'" B DC 14 ? ? "C1'" B DC 14 ? ? N1    B DC 14 ? ? 110.48 108.30 2.18   0.30 N 
28 1 "O4'" B DA 16 ? ? "C1'" B DA 16 ? ? N9    B DA 16 ? ? 110.80 108.30 2.50   0.30 N 
29 1 N7    B DA 16 ? ? C8    B DA 16 ? ? N9    B DA 16 ? ? 117.40 113.80 3.60   0.50 N 
30 1 "O4'" B DC 17 ? ? "C1'" B DC 17 ? ? N1    B DC 17 ? ? 111.09 108.30 2.79   0.30 N 
31 1 "O4'" B DC 18 ? ? "C1'" B DC 18 ? ? N1    B DC 18 ? ? 111.67 108.30 3.37   0.30 N 
32 1 "O3'" B DC 18 ? ? P     B DT 19 ? ? "O5'" B DT 19 ? ? 67.46  104.00 -36.54 1.90 Y 
33 1 "O3'" B DC 18 ? ? P     B DT 19 ? ? OP2   B DT 19 ? ? 127.60 110.50 17.10  1.10 Y 
34 1 "O3'" B DC 18 ? ? P     B DT 19 ? ? OP1   B DT 19 ? ? 74.95  105.20 -30.25 2.20 Y 
35 1 OP1   B DT 19 ? ? P     B DT 19 ? ? OP2   B DT 19 ? ? 99.21  119.60 -20.39 1.50 N 
36 1 "O5'" B DT 19 ? ? P     B DT 19 ? ? OP1   B DT 19 ? ? 134.50 110.70 23.80  1.20 N 
37 1 "O5'" B DT 19 ? ? P     B DT 19 ? ? OP2   B DT 19 ? ? 84.81  105.70 -20.89 0.90 N 
38 1 "O4'" B DT 19 ? ? "C1'" B DT 19 ? ? N1    B DT 19 ? ? 110.69 108.30 2.39   0.30 N 
39 1 "O4'" B DG 20 ? ? "C1'" B DG 20 ? ? N9    B DG 20 ? ? 110.82 108.30 2.52   0.30 N 
40 1 N7    B DG 20 ? ? C8    B DG 20 ? ? N9    B DG 20 ? ? 117.52 113.10 4.42   0.50 N 
41 1 C8    B DG 20 ? ? N9    B DG 20 ? ? C4    B DG 20 ? ? 103.95 106.40 -2.45  0.40 N 
42 1 "O4'" B DC 21 ? ? "C1'" B DC 21 ? ? N1    B DC 21 ? ? 110.85 108.30 2.55   0.30 N 
43 1 "O3'" B DC 21 ? ? P     B DC 22 ? ? "O5'" B DC 22 ? ? 68.01  104.00 -35.99 1.90 Y 
44 1 "O3'" B DC 21 ? ? P     B DC 22 ? ? OP2   B DC 22 ? ? 82.87  105.20 -22.33 2.20 Y 
45 1 "O3'" B DC 21 ? ? P     B DC 22 ? ? OP1   B DC 22 ? ? 131.06 110.50 20.56  1.10 Y 
46 1 OP1   B DC 22 ? ? P     B DC 22 ? ? OP2   B DC 22 ? ? 98.27  119.60 -21.33 1.50 N 
47 1 "O5'" B DC 22 ? ? P     B DC 22 ? ? OP1   B DC 22 ? ? 76.19  105.70 -29.51 0.90 N 
48 1 "O5'" B DC 22 ? ? P     B DC 22 ? ? OP2   B DC 22 ? ? 131.89 110.70 21.19  1.20 N 
49 1 "O4'" B DC 22 ? ? "C1'" B DC 22 ? ? N1    B DC 22 ? ? 110.58 108.30 2.28   0.30 N 
# 
_pdbx_struct_mod_residue.id               1 
_pdbx_struct_mod_residue.label_asym_id    A 
_pdbx_struct_mod_residue.label_comp_id    GSS 
_pdbx_struct_mod_residue.label_seq_id     5 
_pdbx_struct_mod_residue.auth_asym_id     A 
_pdbx_struct_mod_residue.auth_comp_id     GSS 
_pdbx_struct_mod_residue.auth_seq_id      5 
_pdbx_struct_mod_residue.PDB_ins_code     ? 
_pdbx_struct_mod_residue.parent_comp_id   DG 
_pdbx_struct_mod_residue.details          ? 
# 
_pdbx_nmr_ensemble.entry_id                             1AP1 
_pdbx_nmr_ensemble.conformers_calculated_total_number   1 
_pdbx_nmr_ensemble.conformers_submitted_total_number    1 
_pdbx_nmr_ensemble.conformer_selection_criteria         
'THIS STRUCTURE PROVIDED THE BEST-FIT FOR THE NOE DATA BASED ON THE RELAXATION MATRIX ANALYSIS USING CORMA' 
# 
_pdbx_nmr_exptl_sample_conditions.conditions_id       1 
_pdbx_nmr_exptl_sample_conditions.temperature         303 
_pdbx_nmr_exptl_sample_conditions.pressure            ? 
_pdbx_nmr_exptl_sample_conditions.pH                  6.9 
_pdbx_nmr_exptl_sample_conditions.ionic_strength      ? 
_pdbx_nmr_exptl_sample_conditions.pressure_units      . 
_pdbx_nmr_exptl_sample_conditions.temperature_units   K 
# 
loop_
_pdbx_nmr_exptl.experiment_id 
_pdbx_nmr_exptl.conditions_id 
_pdbx_nmr_exptl.type 
_pdbx_nmr_exptl.solution_id 
1 1 NOESY    1 
2 1 2QF-COSY 1 
3 1 TOCSY    1 
# 
_pdbx_nmr_refine.entry_id           1AP1 
_pdbx_nmr_refine.method             'NOE-RESTRAINED MOLECULAR DYNAMICS/SIMULATED ANNEALING' 
_pdbx_nmr_refine.details            'REFINEMENT DETAILS CAN BE FOUND IN THE JRNL CITATION ABOVE.' 
_pdbx_nmr_refine.software_ordinal   1 
# 
loop_
_pdbx_nmr_software.classification 
_pdbx_nmr_software.name 
_pdbx_nmr_software.version 
_pdbx_nmr_software.authors 
_pdbx_nmr_software.ordinal 
refinement           X-PLOR    3.1 BRUNGER 1 
'structure solution' Felix     ?   ?       2 
'structure solution' X-PLOR    ?   ?       3 
'structure solution' MARDIGRAS ?   ?       4 
'structure solution' CORMA     ?   ?       5 
# 
loop_
_chem_comp_atom.comp_id 
_chem_comp_atom.atom_id 
_chem_comp_atom.type_symbol 
_chem_comp_atom.pdbx_aromatic_flag 
_chem_comp_atom.pdbx_stereo_config 
_chem_comp_atom.pdbx_ordinal 
DA  OP3    O N N 1   
DA  P      P N N 2   
DA  OP1    O N N 3   
DA  OP2    O N N 4   
DA  "O5'"  O N N 5   
DA  "C5'"  C N N 6   
DA  "C4'"  C N R 7   
DA  "O4'"  O N N 8   
DA  "C3'"  C N S 9   
DA  "O3'"  O N N 10  
DA  "C2'"  C N N 11  
DA  "C1'"  C N R 12  
DA  N9     N Y N 13  
DA  C8     C Y N 14  
DA  N7     N Y N 15  
DA  C5     C Y N 16  
DA  C6     C Y N 17  
DA  N6     N N N 18  
DA  N1     N Y N 19  
DA  C2     C Y N 20  
DA  N3     N Y N 21  
DA  C4     C Y N 22  
DA  HOP3   H N N 23  
DA  HOP2   H N N 24  
DA  "H5'"  H N N 25  
DA  "H5''" H N N 26  
DA  "H4'"  H N N 27  
DA  "H3'"  H N N 28  
DA  "HO3'" H N N 29  
DA  "H2'"  H N N 30  
DA  "H2''" H N N 31  
DA  "H1'"  H N N 32  
DA  H8     H N N 33  
DA  H61    H N N 34  
DA  H62    H N N 35  
DA  H2     H N N 36  
DC  OP3    O N N 37  
DC  P      P N N 38  
DC  OP1    O N N 39  
DC  OP2    O N N 40  
DC  "O5'"  O N N 41  
DC  "C5'"  C N N 42  
DC  "C4'"  C N R 43  
DC  "O4'"  O N N 44  
DC  "C3'"  C N S 45  
DC  "O3'"  O N N 46  
DC  "C2'"  C N N 47  
DC  "C1'"  C N R 48  
DC  N1     N N N 49  
DC  C2     C N N 50  
DC  O2     O N N 51  
DC  N3     N N N 52  
DC  C4     C N N 53  
DC  N4     N N N 54  
DC  C5     C N N 55  
DC  C6     C N N 56  
DC  HOP3   H N N 57  
DC  HOP2   H N N 58  
DC  "H5'"  H N N 59  
DC  "H5''" H N N 60  
DC  "H4'"  H N N 61  
DC  "H3'"  H N N 62  
DC  "HO3'" H N N 63  
DC  "H2'"  H N N 64  
DC  "H2''" H N N 65  
DC  "H1'"  H N N 66  
DC  H41    H N N 67  
DC  H42    H N N 68  
DC  H5     H N N 69  
DC  H6     H N N 70  
DG  OP3    O N N 71  
DG  P      P N N 72  
DG  OP1    O N N 73  
DG  OP2    O N N 74  
DG  "O5'"  O N N 75  
DG  "C5'"  C N N 76  
DG  "C4'"  C N R 77  
DG  "O4'"  O N N 78  
DG  "C3'"  C N S 79  
DG  "O3'"  O N N 80  
DG  "C2'"  C N N 81  
DG  "C1'"  C N R 82  
DG  N9     N Y N 83  
DG  C8     C Y N 84  
DG  N7     N Y N 85  
DG  C5     C Y N 86  
DG  C6     C N N 87  
DG  O6     O N N 88  
DG  N1     N N N 89  
DG  C2     C N N 90  
DG  N2     N N N 91  
DG  N3     N N N 92  
DG  C4     C Y N 93  
DG  HOP3   H N N 94  
DG  HOP2   H N N 95  
DG  "H5'"  H N N 96  
DG  "H5''" H N N 97  
DG  "H4'"  H N N 98  
DG  "H3'"  H N N 99  
DG  "HO3'" H N N 100 
DG  "H2'"  H N N 101 
DG  "H2''" H N N 102 
DG  "H1'"  H N N 103 
DG  H8     H N N 104 
DG  H1     H N N 105 
DG  H21    H N N 106 
DG  H22    H N N 107 
DT  OP3    O N N 108 
DT  P      P N N 109 
DT  OP1    O N N 110 
DT  OP2    O N N 111 
DT  "O5'"  O N N 112 
DT  "C5'"  C N N 113 
DT  "C4'"  C N R 114 
DT  "O4'"  O N N 115 
DT  "C3'"  C N S 116 
DT  "O3'"  O N N 117 
DT  "C2'"  C N N 118 
DT  "C1'"  C N R 119 
DT  N1     N N N 120 
DT  C2     C N N 121 
DT  O2     O N N 122 
DT  N3     N N N 123 
DT  C4     C N N 124 
DT  O4     O N N 125 
DT  C5     C N N 126 
DT  C7     C N N 127 
DT  C6     C N N 128 
DT  HOP3   H N N 129 
DT  HOP2   H N N 130 
DT  "H5'"  H N N 131 
DT  "H5''" H N N 132 
DT  "H4'"  H N N 133 
DT  "H3'"  H N N 134 
DT  "HO3'" H N N 135 
DT  "H2'"  H N N 136 
DT  "H2''" H N N 137 
DT  "H1'"  H N N 138 
DT  H3     H N N 139 
DT  H71    H N N 140 
DT  H72    H N N 141 
DT  H73    H N N 142 
DT  H6     H N N 143 
GSS P      P N N 144 
GSS OP1    O N N 145 
GSS OP2    O N N 146 
GSS OP3    O N N 147 
GSS "O5'"  O N N 148 
GSS "C5'"  C N N 149 
GSS "C4'"  C N R 150 
GSS "O4'"  O N N 151 
GSS "C3'"  C N S 152 
GSS "O3'"  O N N 153 
GSS "C2'"  C N N 154 
GSS "C1'"  C N R 155 
GSS N9     N Y N 156 
GSS C8     C Y N 157 
GSS N7     N Y N 158 
GSS C5     C Y N 159 
GSS C6     C N N 160 
GSS O6     O N N 161 
GSS N1     N N N 162 
GSS C2     C N N 163 
GSS N2     N N N 164 
GSS N3     N N N 165 
GSS C4     C Y N 166 
GSS CA     C N S 167 
GSS CB     C N N 168 
GSS OB     O N N 169 
GSS CJ     C Y N 170 
GSS CO     C Y N 171 
GSS "CO'"  C Y N 172 
GSS CM     C Y N 173 
GSS "CM'"  C Y N 174 
GSS CP     C Y N 175 
GSS HOP2   H N N 176 
GSS HOP3   H N N 177 
GSS "H5'"  H N N 178 
GSS "H5''" H N N 179 
GSS "H4'"  H N N 180 
GSS "H3'"  H N N 181 
GSS "HO3'" H N N 182 
GSS "H2'"  H N N 183 
GSS "H2''" H N N 184 
GSS "H1'"  H N N 185 
GSS H8     H N N 186 
GSS H1     H N N 187 
GSS H2     H N N 188 
GSS HA     H N N 189 
GSS HB1    H N N 190 
GSS HB2    H N N 191 
GSS HB     H N N 192 
GSS HO     H N N 193 
GSS "HO'"  H N N 194 
GSS HM     H N N 195 
GSS "HM'"  H N N 196 
GSS HP     H N N 197 
# 
loop_
_chem_comp_bond.comp_id 
_chem_comp_bond.atom_id_1 
_chem_comp_bond.atom_id_2 
_chem_comp_bond.value_order 
_chem_comp_bond.pdbx_aromatic_flag 
_chem_comp_bond.pdbx_stereo_config 
_chem_comp_bond.pdbx_ordinal 
DA  OP3   P      sing N N 1   
DA  OP3   HOP3   sing N N 2   
DA  P     OP1    doub N N 3   
DA  P     OP2    sing N N 4   
DA  P     "O5'"  sing N N 5   
DA  OP2   HOP2   sing N N 6   
DA  "O5'" "C5'"  sing N N 7   
DA  "C5'" "C4'"  sing N N 8   
DA  "C5'" "H5'"  sing N N 9   
DA  "C5'" "H5''" sing N N 10  
DA  "C4'" "O4'"  sing N N 11  
DA  "C4'" "C3'"  sing N N 12  
DA  "C4'" "H4'"  sing N N 13  
DA  "O4'" "C1'"  sing N N 14  
DA  "C3'" "O3'"  sing N N 15  
DA  "C3'" "C2'"  sing N N 16  
DA  "C3'" "H3'"  sing N N 17  
DA  "O3'" "HO3'" sing N N 18  
DA  "C2'" "C1'"  sing N N 19  
DA  "C2'" "H2'"  sing N N 20  
DA  "C2'" "H2''" sing N N 21  
DA  "C1'" N9     sing N N 22  
DA  "C1'" "H1'"  sing N N 23  
DA  N9    C8     sing Y N 24  
DA  N9    C4     sing Y N 25  
DA  C8    N7     doub Y N 26  
DA  C8    H8     sing N N 27  
DA  N7    C5     sing Y N 28  
DA  C5    C6     sing Y N 29  
DA  C5    C4     doub Y N 30  
DA  C6    N6     sing N N 31  
DA  C6    N1     doub Y N 32  
DA  N6    H61    sing N N 33  
DA  N6    H62    sing N N 34  
DA  N1    C2     sing Y N 35  
DA  C2    N3     doub Y N 36  
DA  C2    H2     sing N N 37  
DA  N3    C4     sing Y N 38  
DC  OP3   P      sing N N 39  
DC  OP3   HOP3   sing N N 40  
DC  P     OP1    doub N N 41  
DC  P     OP2    sing N N 42  
DC  P     "O5'"  sing N N 43  
DC  OP2   HOP2   sing N N 44  
DC  "O5'" "C5'"  sing N N 45  
DC  "C5'" "C4'"  sing N N 46  
DC  "C5'" "H5'"  sing N N 47  
DC  "C5'" "H5''" sing N N 48  
DC  "C4'" "O4'"  sing N N 49  
DC  "C4'" "C3'"  sing N N 50  
DC  "C4'" "H4'"  sing N N 51  
DC  "O4'" "C1'"  sing N N 52  
DC  "C3'" "O3'"  sing N N 53  
DC  "C3'" "C2'"  sing N N 54  
DC  "C3'" "H3'"  sing N N 55  
DC  "O3'" "HO3'" sing N N 56  
DC  "C2'" "C1'"  sing N N 57  
DC  "C2'" "H2'"  sing N N 58  
DC  "C2'" "H2''" sing N N 59  
DC  "C1'" N1     sing N N 60  
DC  "C1'" "H1'"  sing N N 61  
DC  N1    C2     sing N N 62  
DC  N1    C6     sing N N 63  
DC  C2    O2     doub N N 64  
DC  C2    N3     sing N N 65  
DC  N3    C4     doub N N 66  
DC  C4    N4     sing N N 67  
DC  C4    C5     sing N N 68  
DC  N4    H41    sing N N 69  
DC  N4    H42    sing N N 70  
DC  C5    C6     doub N N 71  
DC  C5    H5     sing N N 72  
DC  C6    H6     sing N N 73  
DG  OP3   P      sing N N 74  
DG  OP3   HOP3   sing N N 75  
DG  P     OP1    doub N N 76  
DG  P     OP2    sing N N 77  
DG  P     "O5'"  sing N N 78  
DG  OP2   HOP2   sing N N 79  
DG  "O5'" "C5'"  sing N N 80  
DG  "C5'" "C4'"  sing N N 81  
DG  "C5'" "H5'"  sing N N 82  
DG  "C5'" "H5''" sing N N 83  
DG  "C4'" "O4'"  sing N N 84  
DG  "C4'" "C3'"  sing N N 85  
DG  "C4'" "H4'"  sing N N 86  
DG  "O4'" "C1'"  sing N N 87  
DG  "C3'" "O3'"  sing N N 88  
DG  "C3'" "C2'"  sing N N 89  
DG  "C3'" "H3'"  sing N N 90  
DG  "O3'" "HO3'" sing N N 91  
DG  "C2'" "C1'"  sing N N 92  
DG  "C2'" "H2'"  sing N N 93  
DG  "C2'" "H2''" sing N N 94  
DG  "C1'" N9     sing N N 95  
DG  "C1'" "H1'"  sing N N 96  
DG  N9    C8     sing Y N 97  
DG  N9    C4     sing Y N 98  
DG  C8    N7     doub Y N 99  
DG  C8    H8     sing N N 100 
DG  N7    C5     sing Y N 101 
DG  C5    C6     sing N N 102 
DG  C5    C4     doub Y N 103 
DG  C6    O6     doub N N 104 
DG  C6    N1     sing N N 105 
DG  N1    C2     sing N N 106 
DG  N1    H1     sing N N 107 
DG  C2    N2     sing N N 108 
DG  C2    N3     doub N N 109 
DG  N2    H21    sing N N 110 
DG  N2    H22    sing N N 111 
DG  N3    C4     sing N N 112 
DT  OP3   P      sing N N 113 
DT  OP3   HOP3   sing N N 114 
DT  P     OP1    doub N N 115 
DT  P     OP2    sing N N 116 
DT  P     "O5'"  sing N N 117 
DT  OP2   HOP2   sing N N 118 
DT  "O5'" "C5'"  sing N N 119 
DT  "C5'" "C4'"  sing N N 120 
DT  "C5'" "H5'"  sing N N 121 
DT  "C5'" "H5''" sing N N 122 
DT  "C4'" "O4'"  sing N N 123 
DT  "C4'" "C3'"  sing N N 124 
DT  "C4'" "H4'"  sing N N 125 
DT  "O4'" "C1'"  sing N N 126 
DT  "C3'" "O3'"  sing N N 127 
DT  "C3'" "C2'"  sing N N 128 
DT  "C3'" "H3'"  sing N N 129 
DT  "O3'" "HO3'" sing N N 130 
DT  "C2'" "C1'"  sing N N 131 
DT  "C2'" "H2'"  sing N N 132 
DT  "C2'" "H2''" sing N N 133 
DT  "C1'" N1     sing N N 134 
DT  "C1'" "H1'"  sing N N 135 
DT  N1    C2     sing N N 136 
DT  N1    C6     sing N N 137 
DT  C2    O2     doub N N 138 
DT  C2    N3     sing N N 139 
DT  N3    C4     sing N N 140 
DT  N3    H3     sing N N 141 
DT  C4    O4     doub N N 142 
DT  C4    C5     sing N N 143 
DT  C5    C7     sing N N 144 
DT  C5    C6     doub N N 145 
DT  C7    H71    sing N N 146 
DT  C7    H72    sing N N 147 
DT  C7    H73    sing N N 148 
DT  C6    H6     sing N N 149 
GSS P     OP1    doub N N 150 
GSS P     OP2    sing N N 151 
GSS P     OP3    sing N N 152 
GSS P     "O5'"  sing N N 153 
GSS OP2   HOP2   sing N N 154 
GSS OP3   HOP3   sing N N 155 
GSS "O5'" "C5'"  sing N N 156 
GSS "C5'" "C4'"  sing N N 157 
GSS "C5'" "H5'"  sing N N 158 
GSS "C5'" "H5''" sing N N 159 
GSS "C4'" "O4'"  sing N N 160 
GSS "C4'" "C3'"  sing N N 161 
GSS "C4'" "H4'"  sing N N 162 
GSS "O4'" "C1'"  sing N N 163 
GSS "C3'" "O3'"  sing N N 164 
GSS "C3'" "C2'"  sing N N 165 
GSS "C3'" "H3'"  sing N N 166 
GSS "O3'" "HO3'" sing N N 167 
GSS "C2'" "C1'"  sing N N 168 
GSS "C2'" "H2'"  sing N N 169 
GSS "C2'" "H2''" sing N N 170 
GSS "C1'" N9     sing N N 171 
GSS "C1'" "H1'"  sing N N 172 
GSS N9    C8     sing Y N 173 
GSS N9    C4     sing Y N 174 
GSS C8    N7     doub Y N 175 
GSS C8    H8     sing N N 176 
GSS N7    C5     sing Y N 177 
GSS C5    C6     sing N N 178 
GSS C5    C4     doub Y N 179 
GSS C6    O6     doub N N 180 
GSS C6    N1     sing N N 181 
GSS N1    C2     sing N N 182 
GSS N1    H1     sing N N 183 
GSS C2    N2     sing N N 184 
GSS C2    N3     doub N N 185 
GSS N2    CA     sing N N 186 
GSS N2    H2     sing N N 187 
GSS N3    C4     sing N N 188 
GSS CA    CB     sing N N 189 
GSS CA    CJ     sing N N 190 
GSS CA    HA     sing N N 191 
GSS CB    OB     sing N N 192 
GSS CB    HB1    sing N N 193 
GSS CB    HB2    sing N N 194 
GSS OB    HB     sing N N 195 
GSS CJ    CO     doub Y N 196 
GSS CJ    "CO'"  sing Y N 197 
GSS CO    CM     sing Y N 198 
GSS CO    HO     sing N N 199 
GSS "CO'" "CM'"  doub Y N 200 
GSS "CO'" "HO'"  sing N N 201 
GSS CM    CP     doub Y N 202 
GSS CM    HM     sing N N 203 
GSS "CM'" CP     sing Y N 204 
GSS "CM'" "HM'"  sing N N 205 
GSS CP    HP     sing N N 206 
# 
loop_
_ndb_struct_conf_na.entry_id 
_ndb_struct_conf_na.feature 
1AP1 'double helix'        
1AP1 'b-form double helix' 
# 
loop_
_ndb_struct_na_base_pair.model_number 
_ndb_struct_na_base_pair.i_label_asym_id 
_ndb_struct_na_base_pair.i_label_comp_id 
_ndb_struct_na_base_pair.i_label_seq_id 
_ndb_struct_na_base_pair.i_symmetry 
_ndb_struct_na_base_pair.j_label_asym_id 
_ndb_struct_na_base_pair.j_label_comp_id 
_ndb_struct_na_base_pair.j_label_seq_id 
_ndb_struct_na_base_pair.j_symmetry 
_ndb_struct_na_base_pair.shear 
_ndb_struct_na_base_pair.stretch 
_ndb_struct_na_base_pair.stagger 
_ndb_struct_na_base_pair.buckle 
_ndb_struct_na_base_pair.propeller 
_ndb_struct_na_base_pair.opening 
_ndb_struct_na_base_pair.pair_number 
_ndb_struct_na_base_pair.pair_name 
_ndb_struct_na_base_pair.i_auth_asym_id 
_ndb_struct_na_base_pair.i_auth_seq_id 
_ndb_struct_na_base_pair.i_PDB_ins_code 
_ndb_struct_na_base_pair.j_auth_asym_id 
_ndb_struct_na_base_pair.j_auth_seq_id 
_ndb_struct_na_base_pair.j_PDB_ins_code 
_ndb_struct_na_base_pair.hbond_type_28 
_ndb_struct_na_base_pair.hbond_type_12 
1 A DG  1  1_555 B DC 11 1_555 -0.517 -0.364 -0.112 -8.098 -14.521 -1.861 1  A_DG1:DC22_B  A 1  ? B 22 ? 19 1 
1 A DG  2  1_555 B DC 10 1_555 -0.520 -0.189 0.149  -0.788 -4.618  -0.247 2  A_DG2:DC21_B  A 2  ? B 21 ? 19 1 
1 A DC  3  1_555 B DG 9  1_555 0.484  -0.209 0.121  -0.650 -8.975  -0.793 3  A_DC3:DG20_B  A 3  ? B 20 ? 19 1 
1 A DA  4  1_555 B DT 8  1_555 0.235  -0.167 0.287  2.117  -2.778  -6.330 4  A_DA4:DT19_B  A 4  ? B 19 ? 20 1 
1 A GSS 5  1_555 B DC 7  1_555 -0.671 -0.177 0.548  10.432 5.340   -2.430 5  A_GSS5:DC18_B A 5  ? B 18 ? 19 1 
1 A DG  6  1_555 B DC 6  1_555 -0.938 -0.315 -0.155 2.519  -16.987 4.552  6  A_DG6:DC17_B  A 6  ? B 17 ? 19 1 
1 A DT  7  1_555 B DA 5  1_555 -0.415 -0.201 -0.362 8.220  -19.636 2.628  7  A_DT7:DA16_B  A 7  ? B 16 ? 20 1 
1 A DG  8  1_555 B DC 4  1_555 -0.559 -0.263 0.088  2.770  -10.940 -0.341 8  A_DG8:DC15_B  A 8  ? B 15 ? 19 1 
1 A DG  9  1_555 B DC 3  1_555 -0.549 -0.243 0.216  1.386  -5.141  -2.536 9  A_DG9:DC14_B  A 9  ? B 14 ? 19 1 
1 A DT  10 1_555 B DA 2  1_555 -0.315 -0.155 0.171  4.529  -8.317  -1.729 10 A_DT10:DA13_B A 10 ? B 13 ? 20 1 
1 A DG  11 1_555 B DC 1  1_555 -0.657 -0.377 0.421  12.665 -3.134  -2.813 11 A_DG11:DC12_B A 11 ? B 12 ? 19 1 
# 
loop_
_ndb_struct_na_base_pair_step.model_number 
_ndb_struct_na_base_pair_step.i_label_asym_id_1 
_ndb_struct_na_base_pair_step.i_label_comp_id_1 
_ndb_struct_na_base_pair_step.i_label_seq_id_1 
_ndb_struct_na_base_pair_step.i_symmetry_1 
_ndb_struct_na_base_pair_step.j_label_asym_id_1 
_ndb_struct_na_base_pair_step.j_label_comp_id_1 
_ndb_struct_na_base_pair_step.j_label_seq_id_1 
_ndb_struct_na_base_pair_step.j_symmetry_1 
_ndb_struct_na_base_pair_step.i_label_asym_id_2 
_ndb_struct_na_base_pair_step.i_label_comp_id_2 
_ndb_struct_na_base_pair_step.i_label_seq_id_2 
_ndb_struct_na_base_pair_step.i_symmetry_2 
_ndb_struct_na_base_pair_step.j_label_asym_id_2 
_ndb_struct_na_base_pair_step.j_label_comp_id_2 
_ndb_struct_na_base_pair_step.j_label_seq_id_2 
_ndb_struct_na_base_pair_step.j_symmetry_2 
_ndb_struct_na_base_pair_step.shift 
_ndb_struct_na_base_pair_step.slide 
_ndb_struct_na_base_pair_step.rise 
_ndb_struct_na_base_pair_step.tilt 
_ndb_struct_na_base_pair_step.roll 
_ndb_struct_na_base_pair_step.twist 
_ndb_struct_na_base_pair_step.x_displacement 
_ndb_struct_na_base_pair_step.y_displacement 
_ndb_struct_na_base_pair_step.helical_rise 
_ndb_struct_na_base_pair_step.inclination 
_ndb_struct_na_base_pair_step.tip 
_ndb_struct_na_base_pair_step.helical_twist 
_ndb_struct_na_base_pair_step.step_number 
_ndb_struct_na_base_pair_step.step_name 
_ndb_struct_na_base_pair_step.i_auth_asym_id_1 
_ndb_struct_na_base_pair_step.i_auth_seq_id_1 
_ndb_struct_na_base_pair_step.i_PDB_ins_code_1 
_ndb_struct_na_base_pair_step.j_auth_asym_id_1 
_ndb_struct_na_base_pair_step.j_auth_seq_id_1 
_ndb_struct_na_base_pair_step.j_PDB_ins_code_1 
_ndb_struct_na_base_pair_step.i_auth_asym_id_2 
_ndb_struct_na_base_pair_step.i_auth_seq_id_2 
_ndb_struct_na_base_pair_step.i_PDB_ins_code_2 
_ndb_struct_na_base_pair_step.j_auth_asym_id_2 
_ndb_struct_na_base_pair_step.j_auth_seq_id_2 
_ndb_struct_na_base_pair_step.j_PDB_ins_code_2 
1 A DG  1  1_555 B DC 11 1_555 A DG  2  1_555 B DC 10 1_555 0.067  -0.128 2.971 -0.455 0.064  36.007 -0.216 -0.168 2.969 0.104  
0.736  36.010 1  AA_DG1DG2:DC21DC22_BB   A 1  ? B 22 ? A 2  ? B 21 ? 
1 A DG  2  1_555 B DC 10 1_555 A DC  3  1_555 B DG 9  1_555 0.110  -0.194 3.224 2.122  -2.657 38.712 0.028  0.090  3.231 -3.999 
-3.194 38.855 2  AA_DG2DC3:DG20DC21_BB   A 2  ? B 21 ? A 3  ? B 20 ? 
1 A DC  3  1_555 B DG 9  1_555 A DA  4  1_555 B DT 8  1_555 -0.950 0.130  3.117 -4.754 -0.990 38.218 0.315  0.869  3.204 -1.505 
7.225  38.513 3  AA_DC3DA4:DT19DG20_BB   A 3  ? B 20 ? A 4  ? B 19 ? 
1 A DA  4  1_555 B DT 8  1_555 A GSS 5  1_555 B DC 7  1_555 0.432  -0.178 3.260 -0.757 5.390  28.468 -1.536 -1.029 3.160 10.835 
1.521  28.973 4  AA_DA4GSS5:DC18DT19_BB  A 4  ? B 19 ? A 5  ? B 18 ? 
1 A GSS 5  1_555 B DC 7  1_555 A DG  6  1_555 B DC 6  1_555 0.175  -0.239 3.630 1.906  5.446  33.914 -1.345 0.032  3.554 9.253  
-3.238 34.387 5  AA_GSS5DG6:DC17DC18_BB  A 5  ? B 18 ? A 6  ? B 17 ? 
1 A DG  6  1_555 B DC 6  1_555 A DT  7  1_555 B DA 5  1_555 0.081  0.263  3.002 3.041  0.050  38.248 0.395  0.226  2.999 0.076  
-4.633 38.364 6  AA_DG6DT7:DA16DC17_BB   A 6  ? B 17 ? A 7  ? B 16 ? 
1 A DT  7  1_555 B DA 5  1_555 A DG  8  1_555 B DC 4  1_555 -0.100 0.486  3.517 -2.314 8.900  36.721 -0.504 -0.172 3.535 13.862 
3.605  37.816 7  AA_DT7DG8:DC15DA16_BB   A 7  ? B 16 ? A 8  ? B 15 ? 
1 A DG  8  1_555 B DC 4  1_555 A DG  9  1_555 B DC 3  1_555 -0.043 -0.172 3.163 -1.181 2.137  36.274 -0.563 -0.090 3.148 3.427  
1.894  36.354 8  AA_DG8DG9:DC14DC15_BB   A 8  ? B 15 ? A 9  ? B 14 ? 
1 A DG  9  1_555 B DC 3  1_555 A DT  10 1_555 B DA 2  1_555 0.161  -0.167 3.130 1.219  -4.484 36.243 0.328  -0.096 3.131 -7.172 
-1.949 36.530 9  AA_DG9DT10:DA13DC14_BB  A 9  ? B 14 ? A 10 ? B 13 ? 
1 A DT  10 1_555 B DA 2  1_555 A DG  11 1_555 B DC 1  1_555 -0.056 -0.053 2.935 -2.326 -2.722 35.235 0.272  -0.215 2.929 -4.482 
3.830  35.410 10 AA_DT10DG11:DC12DA13_BB A 10 ? B 13 ? A 11 ? B 12 ? 
# 
_pdbx_nmr_spectrometer.spectrometer_id   1 
_pdbx_nmr_spectrometer.model             AMX500 
_pdbx_nmr_spectrometer.manufacturer      Bruker 
_pdbx_nmr_spectrometer.field_strength    500 
# 
_atom_sites.entry_id                    1AP1 
_atom_sites.fract_transf_matrix[1][1]   1.000000 
_atom_sites.fract_transf_matrix[1][2]   0.000000 
_atom_sites.fract_transf_matrix[1][3]   0.000000 
_atom_sites.fract_transf_matrix[2][1]   0.000000 
_atom_sites.fract_transf_matrix[2][2]   1.000000 
_atom_sites.fract_transf_matrix[2][3]   0.000000 
_atom_sites.fract_transf_matrix[3][1]   0.000000 
_atom_sites.fract_transf_matrix[3][2]   0.000000 
_atom_sites.fract_transf_matrix[3][3]   1.000000 
_atom_sites.fract_transf_vector[1]      0.00000 
_atom_sites.fract_transf_vector[2]      0.00000 
_atom_sites.fract_transf_vector[3]      0.00000 
# 
loop_
_atom_type.symbol 
C 
H 
N 
O 
P 
# 
loop_
_atom_site.group_PDB 
_atom_site.id 
_atom_site.type_symbol 
_atom_site.label_atom_id 
_atom_site.label_alt_id 
_atom_site.label_comp_id 
_atom_site.label_asym_id 
_atom_site.label_entity_id 
_atom_site.label_seq_id 
_atom_site.pdbx_PDB_ins_code 
_atom_site.Cartn_x 
_atom_site.Cartn_y 
_atom_site.Cartn_z 
_atom_site.occupancy 
_atom_site.B_iso_or_equiv 
_atom_site.pdbx_formal_charge 
_atom_site.auth_seq_id 
_atom_site.auth_comp_id 
_atom_site.auth_asym_id 
_atom_site.auth_atom_id 
_atom_site.pdbx_PDB_model_num 
ATOM   1   O "O5'"  . DG  A 1 1  ? 1.725   19.108  -3.408  1.00 1.79 ? 1  DG  A "O5'"  1 
ATOM   2   C "C5'"  . DG  A 1 1  ? 0.950   20.031  -4.178  1.00 1.59 ? 1  DG  A "C5'"  1 
ATOM   3   C "C4'"  . DG  A 1 1  ? -0.014  19.317  -5.135  1.00 1.12 ? 1  DG  A "C4'"  1 
ATOM   4   O "O4'"  . DG  A 1 1  ? 0.717   18.441  -6.025  1.00 1.26 ? 1  DG  A "O4'"  1 
ATOM   5   C "C3'"  . DG  A 1 1  ? -1.046  18.472  -4.383  1.00 1.03 ? 1  DG  A "C3'"  1 
ATOM   6   O "O3'"  . DG  A 1 1  ? -2.385  18.941  -4.637  1.00 1.21 ? 1  DG  A "O3'"  1 
ATOM   7   C "C2'"  . DG  A 1 1  ? -0.863  17.059  -4.892  1.00 1.10 ? 1  DG  A "C2'"  1 
ATOM   8   C "C1'"  . DG  A 1 1  ? 0.100   17.139  -6.061  1.00 1.07 ? 1  DG  A "C1'"  1 
ATOM   9   N N9     . DG  A 1 1  ? 1.121   16.068  -6.007  1.00 0.93 ? 1  DG  A N9     1 
ATOM   10  C C8     . DG  A 1 1  ? 2.246   15.973  -5.254  1.00 0.94 ? 1  DG  A C8     1 
ATOM   11  N N7     . DG  A 1 1  ? 3.006   14.946  -5.440  1.00 0.89 ? 1  DG  A N7     1 
ATOM   12  C C5     . DG  A 1 1  ? 2.315   14.257  -6.440  1.00 0.78 ? 1  DG  A C5     1 
ATOM   13  C C6     . DG  A 1 1  ? 2.634   13.037  -7.089  1.00 0.69 ? 1  DG  A C6     1 
ATOM   14  O O6     . DG  A 1 1  ? 3.607   12.309  -6.911  1.00 0.71 ? 1  DG  A O6     1 
ATOM   15  N N1     . DG  A 1 1  ? 1.675   12.696  -8.033  1.00 0.68 ? 1  DG  A N1     1 
ATOM   16  C C2     . DG  A 1 1  ? 0.544   13.433  -8.322  1.00 0.80 ? 1  DG  A C2     1 
ATOM   17  N N2     . DG  A 1 1  ? -0.261  12.938  -9.264  1.00 0.91 ? 1  DG  A N2     1 
ATOM   18  N N3     . DG  A 1 1  ? 0.237   14.582  -7.716  1.00 0.89 ? 1  DG  A N3     1 
ATOM   19  C C4     . DG  A 1 1  ? 1.158   14.936  -6.790  1.00 0.84 ? 1  DG  A C4     1 
ATOM   20  H "H5'"  . DG  A 1 1  ? 1.625   20.656  -4.763  1.00 2.05 ? 1  DG  A "H5'"  1 
ATOM   21  H "H5''" . DG  A 1 1  ? 0.379   20.665  -3.499  1.00 1.70 ? 1  DG  A "H5''" 1 
ATOM   22  H "H4'"  . DG  A 1 1  ? -0.535  20.064  -5.731  1.00 1.27 ? 1  DG  A "H4'"  1 
ATOM   23  H "H3'"  . DG  A 1 1  ? -0.838  18.503  -3.312  1.00 1.31 ? 1  DG  A "H3'"  1 
ATOM   24  H "H2'"  . DG  A 1 1  ? -0.446  16.433  -4.106  1.00 1.24 ? 1  DG  A "H2'"  1 
ATOM   25  H "H2''" . DG  A 1 1  ? -1.819  16.652  -5.228  1.00 1.51 ? 1  DG  A "H2''" 1 
ATOM   26  H "H1'"  . DG  A 1 1  ? -0.462  17.041  -6.988  1.00 1.51 ? 1  DG  A "H1'"  1 
ATOM   27  H H8     . DG  A 1 1  ? 2.502   16.738  -4.521  1.00 1.04 ? 1  DG  A H8     1 
ATOM   28  H H1     . DG  A 1 1  ? 1.839   11.836  -8.535  1.00 0.63 ? 1  DG  A H1     1 
ATOM   29  H H21    . DG  A 1 1  ? -0.030  12.066  -9.718  1.00 0.87 ? 1  DG  A H21    1 
ATOM   30  H H22    . DG  A 1 1  ? -1.102  13.435  -9.519  1.00 1.06 ? 1  DG  A H22    1 
ATOM   31  H "HO5'" . DG  A 1 1  ? 1.594   18.239  -3.789  1.00 1.73 ? 1  DG  A "HO5'" 1 
ATOM   32  P P      . DG  A 1 2  ? -3.661  18.214  -3.954  1.00 1.66 ? 2  DG  A P      1 
ATOM   33  O OP1    . DG  A 1 2  ? -4.871  19.039  -4.184  1.00 2.14 ? 2  DG  A OP1    1 
ATOM   34  O OP2    . DG  A 1 2  ? -3.291  17.834  -2.575  1.00 2.59 ? 2  DG  A OP2    1 
ATOM   35  O "O5'"  . DG  A 1 2  ? -3.796  16.864  -4.821  1.00 1.41 ? 2  DG  A "O5'"  1 
ATOM   36  C "C5'"  . DG  A 1 2  ? -4.455  16.851  -6.092  1.00 1.02 ? 2  DG  A "C5'"  1 
ATOM   37  C "C4'"  . DG  A 1 2  ? -4.797  15.428  -6.498  1.00 0.92 ? 2  DG  A "C4'"  1 
ATOM   38  O "O4'"  . DG  A 1 2  ? -3.594  14.669  -6.764  1.00 0.82 ? 2  DG  A "O4'"  1 
ATOM   39  C "C3'"  . DG  A 1 2  ? -5.556  14.739  -5.374  1.00 0.88 ? 2  DG  A "C3'"  1 
ATOM   40  O "O3'"  . DG  A 1 2  ? -6.840  14.294  -5.841  1.00 0.93 ? 2  DG  A "O3'"  1 
ATOM   41  C "C2'"  . DG  A 1 2  ? -4.671  13.593  -4.940  1.00 0.77 ? 2  DG  A "C2'"  1 
ATOM   42  C "C1'"  . DG  A 1 2  ? -3.619  13.437  -6.021  1.00 0.72 ? 2  DG  A "C1'"  1 
ATOM   43  N N9     . DG  A 1 2  ? -2.287  13.120  -5.452  1.00 0.63 ? 2  DG  A N9     1 
ATOM   44  C C8     . DG  A 1 2  ? -1.577  13.740  -4.474  1.00 0.64 ? 2  DG  A C8     1 
ATOM   45  N N7     . DG  A 1 2  ? -0.418  13.252  -4.174  1.00 0.58 ? 2  DG  A N7     1 
ATOM   46  C C5     . DG  A 1 2  ? -0.329  12.167  -5.054  1.00 0.50 ? 2  DG  A C5     1 
ATOM   47  C C6     . DG  A 1 2  ? 0.713   11.214  -5.227  1.00 0.43 ? 2  DG  A C6     1 
ATOM   48  O O6     . DG  A 1 2  ? 1.786   11.136  -4.632  1.00 0.44 ? 2  DG  A O6     1 
ATOM   49  N N1     . DG  A 1 2  ? 0.400   10.291  -6.216  1.00 0.40 ? 2  DG  A N1     1 
ATOM   50  C C2     . DG  A 1 2  ? -0.768  10.280  -6.953  1.00 0.44 ? 2  DG  A C2     1 
ATOM   51  N N2     . DG  A 1 2  ? -0.891  9.310   -7.857  1.00 0.44 ? 2  DG  A N2     1 
ATOM   52  N N3     . DG  A 1 2  ? -1.750  11.171  -6.797  1.00 0.51 ? 2  DG  A N3     1 
ATOM   53  C C4     . DG  A 1 2  ? -1.470  12.081  -5.838  1.00 0.53 ? 2  DG  A C4     1 
ATOM   54  H "H5'"  . DG  A 1 2  ? -3.798  17.288  -6.843  1.00 1.11 ? 2  DG  A "H5'"  1 
ATOM   55  H "H5''" . DG  A 1 2  ? -5.373  17.437  -6.030  1.00 1.25 ? 2  DG  A "H5''" 1 
ATOM   56  H "H4'"  . DG  A 1 2  ? -5.417  15.442  -7.395  1.00 0.98 ? 2  DG  A "H4'"  1 
ATOM   57  H "H3'"  . DG  A 1 2  ? -5.682  15.435  -4.541  1.00 0.94 ? 2  DG  A "H3'"  1 
ATOM   58  H "H2'"  . DG  A 1 2  ? -4.197  13.836  -3.989  1.00 0.76 ? 2  DG  A "H2'"  1 
ATOM   59  H "H2''" . DG  A 1 2  ? -5.248  12.675  -4.844  1.00 0.77 ? 2  DG  A "H2''" 1 
ATOM   60  H "H1'"  . DG  A 1 2  ? -3.920  12.632  -6.689  1.00 0.71 ? 2  DG  A "H1'"  1 
ATOM   61  H H8     . DG  A 1 2  ? -1.970  14.618  -3.959  1.00 0.72 ? 2  DG  A H8     1 
ATOM   62  H H1     . DG  A 1 2  ? 1.099   9.584   -6.396  1.00 0.38 ? 2  DG  A H1     1 
ATOM   63  H H21    . DG  A 1 2  ? -0.149  8.634   -7.978  1.00 0.42 ? 2  DG  A H21    1 
ATOM   64  H H22    . DG  A 1 2  ? -1.726  9.250   -8.422  1.00 0.50 ? 2  DG  A H22    1 
ATOM   65  P P      . DC  A 1 3  ? -7.658  13.125  -5.087  1.00 1.13 ? 3  DC  A P      1 
ATOM   66  O OP1    . DC  A 1 3  ? -9.049  13.131  -5.589  1.00 1.86 ? 3  DC  A OP1    1 
ATOM   67  O OP2    . DC  A 1 3  ? -7.399  13.228  -3.634  1.00 1.84 ? 3  DC  A OP2    1 
ATOM   68  O "O5'"  . DC  A 1 3  ? -6.930  11.803  -5.636  1.00 1.00 ? 3  DC  A "O5'"  1 
ATOM   69  C "C5'"  . DC  A 1 3  ? -6.908  11.511  -7.036  1.00 1.01 ? 3  DC  A "C5'"  1 
ATOM   70  C "C4'"  . DC  A 1 3  ? -6.375  10.108  -7.291  1.00 0.84 ? 3  DC  A "C4'"  1 
ATOM   71  O "O4'"  . DC  A 1 3  ? -4.973  10.022  -6.940  1.00 0.69 ? 3  DC  A "O4'"  1 
ATOM   72  C "C3'"  . DC  A 1 3  ? -7.136  9.083   -6.450  1.00 0.86 ? 3  DC  A "C3'"  1 
ATOM   73  O "O3'"  . DC  A 1 3  ? -7.692  8.051   -7.285  1.00 0.90 ? 3  DC  A "O3'"  1 
ATOM   74  C "C2'"  . DC  A 1 3  ? -6.117  8.524   -5.491  1.00 0.75 ? 3  DC  A "C2'"  1 
ATOM   75  C "C1'"  . DC  A 1 3  ? -4.758  8.919   -6.038  1.00 0.61 ? 3  DC  A "C1'"  1 
ATOM   76  N N1     . DC  A 1 3  ? -3.814  9.287   -4.953  1.00 0.54 ? 3  DC  A N1     1 
ATOM   77  C C2     . DC  A 1 3  ? -2.602  8.608   -4.900  1.00 0.43 ? 3  DC  A C2     1 
ATOM   78  O O2     . DC  A 1 3  ? -2.356  7.714   -5.707  1.00 0.40 ? 3  DC  A O2     1 
ATOM   79  N N3     . DC  A 1 3  ? -1.710  8.951   -3.933  1.00 0.40 ? 3  DC  A N3     1 
ATOM   80  C C4     . DC  A 1 3  ? -1.988  9.917   -3.050  1.00 0.48 ? 3  DC  A C4     1 
ATOM   81  N N4     . DC  A 1 3  ? -1.080  10.239  -2.125  1.00 0.50 ? 3  DC  A N4     1 
ATOM   82  C C5     . DC  A 1 3  ? -3.235  10.617  -3.094  1.00 0.58 ? 3  DC  A C5     1 
ATOM   83  C C6     . DC  A 1 3  ? -4.115  10.272  -4.056  1.00 0.61 ? 3  DC  A C6     1 
ATOM   84  H "H5'"  . DC  A 1 3  ? -6.270  12.237  -7.544  1.00 1.02 ? 3  DC  A "H5'"  1 
ATOM   85  H "H5''" . DC  A 1 3  ? -7.922  11.589  -7.432  1.00 1.16 ? 3  DC  A "H5''" 1 
ATOM   86  H "H4'"  . DC  A 1 3  ? -6.494  9.865   -8.346  1.00 0.87 ? 3  DC  A "H4'"  1 
ATOM   87  H "H3'"  . DC  A 1 3  ? -7.929  9.583   -5.889  1.00 0.97 ? 3  DC  A "H3'"  1 
ATOM   88  H "H2'"  . DC  A 1 3  ? -6.264  8.957   -4.502  1.00 0.78 ? 3  DC  A "H2'"  1 
ATOM   89  H "H2''" . DC  A 1 3  ? -6.201  7.443   -5.441  1.00 0.78 ? 3  DC  A "H2''" 1 
ATOM   90  H "H1'"  . DC  A 1 3  ? -4.346  8.081   -6.598  1.00 0.56 ? 3  DC  A "H1'"  1 
ATOM   91  H H41    . DC  A 1 3  ? -0.195  9.752   -2.095  1.00 0.47 ? 3  DC  A H41    1 
ATOM   92  H H42    . DC  A 1 3  ? -1.276  10.973  -1.459  1.00 0.57 ? 3  DC  A H42    1 
ATOM   93  H H5     . DC  A 1 3  ? -3.467  11.400  -2.372  1.00 0.66 ? 3  DC  A H5     1 
ATOM   94  H H6     . DC  A 1 3  ? -5.076  10.781  -4.114  1.00 0.71 ? 3  DC  A H6     1 
ATOM   95  P P      . DA  A 1 4  ? -8.378  6.721   -6.662  1.00 1.36 ? 4  DA  A P      1 
ATOM   96  O OP1    . DA  A 1 4  ? -9.526  6.349   -7.519  1.00 2.06 ? 4  DA  A OP1    1 
ATOM   97  O OP2    . DA  A 1 4  ? -8.588  6.936   -5.212  1.00 2.25 ? 4  DA  A OP2    1 
ATOM   98  O "O5'"  . DA  A 1 4  ? -7.227  5.600   -6.844  1.00 1.03 ? 4  DA  A "O5'"  1 
ATOM   99  C "C5'"  . DA  A 1 4  ? -7.011  4.983   -8.119  1.00 0.79 ? 4  DA  A "C5'"  1 
ATOM   100 C "C4'"  . DA  A 1 4  ? -6.031  3.806   -8.045  1.00 0.72 ? 4  DA  A "C4'"  1 
ATOM   101 O "O4'"  . DA  A 1 4  ? -4.736  4.238   -7.559  1.00 0.65 ? 4  DA  A "O4'"  1 
ATOM   102 C "C3'"  . DA  A 1 4  ? -6.557  2.729   -7.111  1.00 0.70 ? 4  DA  A "C3'"  1 
ATOM   103 O "O3'"  . DA  A 1 4  ? -6.817  1.502   -7.812  1.00 0.75 ? 4  DA  A "O3'"  1 
ATOM   104 C "C2'"  . DA  A 1 4  ? -5.493  2.537   -6.060  1.00 0.65 ? 4  DA  A "C2'"  1 
ATOM   105 C "C1'"  . DA  A 1 4  ? -4.370  3.509   -6.369  1.00 0.59 ? 4  DA  A "C1'"  1 
ATOM   106 N N9     . DA  A 1 4  ? -4.153  4.433   -5.238  1.00 0.54 ? 4  DA  A N9     1 
ATOM   107 C C8     . DA  A 1 4  ? -4.952  5.421   -4.769  1.00 0.54 ? 4  DA  A C8     1 
ATOM   108 N N7     . DA  A 1 4  ? -4.524  6.111   -3.765  1.00 0.50 ? 4  DA  A N7     1 
ATOM   109 C C5     . DA  A 1 4  ? -3.284  5.514   -3.523  1.00 0.46 ? 4  DA  A C5     1 
ATOM   110 C C6     . DA  A 1 4  ? -2.284  5.761   -2.578  1.00 0.42 ? 4  DA  A C6     1 
ATOM   111 N N6     . DA  A 1 4  ? -2.375  6.716   -1.651  1.00 0.41 ? 4  DA  A N6     1 
ATOM   112 N N1     . DA  A 1 4  ? -1.188  4.983   -2.620  1.00 0.41 ? 4  DA  A N1     1 
ATOM   113 C C2     . DA  A 1 4  ? -1.078  4.019   -3.536  1.00 0.44 ? 4  DA  A C2     1 
ATOM   114 N N3     . DA  A 1 4  ? -1.962  3.700   -4.477  1.00 0.47 ? 4  DA  A N3     1 
ATOM   115 C C4     . DA  A 1 4  ? -3.051  4.492   -4.414  1.00 0.48 ? 4  DA  A C4     1 
ATOM   116 H "H5'"  . DA  A 1 4  ? -6.618  5.729   -8.807  1.00 0.84 ? 4  DA  A "H5'"  1 
ATOM   117 H "H5''" . DA  A 1 4  ? -7.966  4.619   -8.499  1.00 0.98 ? 4  DA  A "H5''" 1 
ATOM   118 H "H4'"  . DA  A 1 4  ? -5.911  3.383   -9.041  1.00 0.77 ? 4  DA  A "H4'"  1 
ATOM   119 H "H3'"  . DA  A 1 4  ? -7.473  3.083   -6.636  1.00 0.74 ? 4  DA  A "H3'"  1 
ATOM   120 H "H2'"  . DA  A 1 4  ? -5.904  2.746   -5.074  1.00 0.69 ? 4  DA  A "H2'"  1 
ATOM   121 H "H2''" . DA  A 1 4  ? -5.117  1.516   -6.097  1.00 0.66 ? 4  DA  A "H2''" 1 
ATOM   122 H "H1'"  . DA  A 1 4  ? -3.450  2.950   -6.553  1.00 0.58 ? 4  DA  A "H1'"  1 
ATOM   123 H H8     . DA  A 1 4  ? -5.923  5.618   -5.219  1.00 0.59 ? 4  DA  A H8     1 
ATOM   124 H H61    . DA  A 1 4  ? -1.621  6.855   -0.994  1.00 0.40 ? 4  DA  A H61    1 
ATOM   125 H H62    . DA  A 1 4  ? -3.196  7.302   -1.609  1.00 0.44 ? 4  DA  A H62    1 
ATOM   126 H H2     . DA  A 1 4  ? -0.163  3.427   -3.511  1.00 0.44 ? 4  DA  A H2     1 
HETATM 127 P P      . GSS A 1 5  ? -7.551  0.292   -7.045  1.00 0.79 ? 5  GSS A P      1 
HETATM 128 O OP1    . GSS A 1 5  ? -7.890  -0.761  -8.024  1.00 1.40 ? 5  GSS A OP1    1 
HETATM 129 O OP2    . GSS A 1 5  ? -8.599  0.875   -6.179  1.00 1.63 ? 5  GSS A OP2    1 
HETATM 130 O "O5'"  . GSS A 1 5  ? -6.367  -0.279  -6.130  1.00 0.76 ? 5  GSS A "O5'"  1 
HETATM 131 C "C5'"  . GSS A 1 5  ? -5.271  -0.941  -6.765  1.00 0.82 ? 5  GSS A "C5'"  1 
HETATM 132 C "C4'"  . GSS A 1 5  ? -4.286  -1.502  -5.755  1.00 0.80 ? 5  GSS A "C4'"  1 
HETATM 133 O "O4'"  . GSS A 1 5  ? -3.677  -0.440  -4.989  1.00 0.69 ? 5  GSS A "O4'"  1 
HETATM 134 C "C3'"  . GSS A 1 5  ? -4.992  -2.442  -4.787  1.00 0.83 ? 5  GSS A "C3'"  1 
HETATM 135 O "O3'"  . GSS A 1 5  ? -4.372  -3.742  -4.821  1.00 0.94 ? 5  GSS A "O3'"  1 
HETATM 136 C "C2'"  . GSS A 1 5  ? -4.876  -1.781  -3.429  1.00 0.76 ? 5  GSS A "C2'"  1 
HETATM 137 C "C1'"  . GSS A 1 5  ? -3.831  -0.692  -3.576  1.00 0.66 ? 5  GSS A "C1'"  1 
HETATM 138 N N9     . GSS A 1 5  ? -4.212  0.547   -2.859  1.00 0.57 ? 5  GSS A N9     1 
HETATM 139 C C8     . GSS A 1 5  ? -5.278  1.367   -3.045  1.00 0.58 ? 5  GSS A C8     1 
HETATM 140 N N7     . GSS A 1 5  ? -5.329  2.452   -2.343  1.00 0.51 ? 5  GSS A N7     1 
HETATM 141 C C5     . GSS A 1 5  ? -4.162  2.357   -1.582  1.00 0.46 ? 5  GSS A C5     1 
HETATM 142 C C6     . GSS A 1 5  ? -3.636  3.248   -0.606  1.00 0.40 ? 5  GSS A C6     1 
HETATM 143 O O6     . GSS A 1 5  ? -4.098  4.321   -0.221  1.00 0.40 ? 5  GSS A O6     1 
HETATM 144 N N1     . GSS A 1 5  ? -2.442  2.776   -0.076  1.00 0.38 ? 5  GSS A N1     1 
HETATM 145 C C2     . GSS A 1 5  ? -1.823  1.595   -0.431  1.00 0.41 ? 5  GSS A C2     1 
HETATM 146 N N2     . GSS A 1 5  ? -0.704  1.296   0.238   1.00 0.40 ? 5  GSS A N2     1 
HETATM 147 N N3     . GSS A 1 5  ? -2.309  0.753   -1.353  1.00 0.47 ? 5  GSS A N3     1 
HETATM 148 C C4     . GSS A 1 5  ? -3.474  1.190   -1.886  1.00 0.49 ? 5  GSS A C4     1 
HETATM 149 C CA     . GSS A 1 5  ? 0.000   0.000   0.000   1.00 0.44 ? 5  GSS A CA     1 
HETATM 150 C CB     . GSS A 1 5  ? 1.120   -0.167  1.030   1.00 0.47 ? 5  GSS A CB     1 
HETATM 151 O OB     . GSS A 1 5  ? 1.752   1.089   1.245   1.00 0.49 ? 5  GSS A OB     1 
HETATM 152 C CJ     . GSS A 1 5  ? 0.587   -0.018  -1.393  1.00 0.45 ? 5  GSS A CJ     1 
HETATM 153 C CO     . GSS A 1 5  ? 0.943   1.181   -2.019  1.00 0.45 ? 5  GSS A CO     1 
HETATM 154 C "CO'"  . GSS A 1 5  ? 0.772   -1.234  -2.058  1.00 0.50 ? 5  GSS A "CO'"  1 
HETATM 155 C CM     . GSS A 1 5  ? 1.483   1.166   -3.309  1.00 0.50 ? 5  GSS A CM     1 
HETATM 156 C "CM'"  . GSS A 1 5  ? 1.313   -1.251  -3.348  1.00 0.54 ? 5  GSS A "CM'"  1 
HETATM 157 C CP     . GSS A 1 5  ? 1.669   -0.050  -3.974  1.00 0.55 ? 5  GSS A CP     1 
HETATM 158 H "H5'"  . GSS A 1 5  ? -4.756  -0.229  -7.412  1.00 0.81 ? 5  GSS A "H5'"  1 
HETATM 159 H "H5''" . GSS A 1 5  ? -5.659  -1.758  -7.378  1.00 0.91 ? 5  GSS A "H5''" 1 
HETATM 160 H "H4'"  . GSS A 1 5  ? -3.504  -2.054  -6.283  1.00 0.86 ? 5  GSS A "H4'"  1 
HETATM 161 H "H3'"  . GSS A 1 5  ? -6.046  -2.523  -5.060  1.00 0.86 ? 5  GSS A "H3'"  1 
HETATM 162 H "H2'"  . GSS A 1 5  ? -5.835  -1.347  -3.149  1.00 0.76 ? 5  GSS A "H2'"  1 
HETATM 163 H "H2''" . GSS A 1 5  ? -4.557  -2.500  -2.677  1.00 0.79 ? 5  GSS A "H2''" 1 
HETATM 164 H "H1'"  . GSS A 1 5  ? -2.885  -1.055  -3.178  1.00 0.66 ? 5  GSS A "H1'"  1 
HETATM 165 H H8     . GSS A 1 5  ? -6.068  1.115   -3.751  1.00 0.65 ? 5  GSS A H8     1 
HETATM 166 H H1     . GSS A 1 5  ? -2.008  3.365   0.621   1.00 0.37 ? 5  GSS A H1     1 
HETATM 167 H H2     . GSS A 1 5  ? -0.344  1.942   0.926   1.00 0.38 ? 5  GSS A H2     1 
HETATM 168 H HA     . GSS A 1 5  ? -0.705  -0.813  0.104   1.00 0.48 ? 5  GSS A HA     1 
HETATM 169 H HB1    . GSS A 1 5  ? 1.841   -0.887  0.664   1.00 0.48 ? 5  GSS A HB1    1 
HETATM 170 H HB2    . GSS A 1 5  ? 0.708   -0.520  1.960   1.00 0.51 ? 5  GSS A HB2    1 
HETATM 171 H HB     . GSS A 1 5  ? 2.245   1.312   0.452   1.00 0.64 ? 5  GSS A HB     1 
HETATM 172 H HO     . GSS A 1 5  ? 0.796   2.120   -1.506  1.00 0.44 ? 5  GSS A HO     1 
HETATM 173 H "HO'"  . GSS A 1 5  ? 0.499   -2.161  -1.575  1.00 0.52 ? 5  GSS A "HO'"  1 
HETATM 174 H HM     . GSS A 1 5  ? 1.758   2.093   -3.791  1.00 0.53 ? 5  GSS A HM     1 
HETATM 175 H "HM'"  . GSS A 1 5  ? 1.456   -2.190  -3.861  1.00 0.59 ? 5  GSS A "HM'"  1 
HETATM 176 H HP     . GSS A 1 5  ? 2.086   -0.063  -4.969  1.00 0.60 ? 5  GSS A HP     1 
ATOM   177 P P      . DG  A 1 6  ? -4.480  -4.767  -3.579  1.00 0.92 ? 6  DG  A P      1 
ATOM   178 O OP1    . DG  A 1 6  ? -3.879  -6.059  -3.980  1.00 1.27 ? 6  DG  A OP1    1 
ATOM   179 O OP2    . DG  A 1 6  ? -5.859  -4.728  -3.056  1.00 2.02 ? 6  DG  A OP2    1 
ATOM   180 O "O5'"  . DG  A 1 6  ? -3.518  -4.082  -2.496  1.00 0.74 ? 6  DG  A "O5'"  1 
ATOM   181 C "C5'"  . DG  A 1 6  ? -2.107  -4.258  -2.581  1.00 0.70 ? 6  DG  A "C5'"  1 
ATOM   182 C "C4'"  . DG  A 1 6  ? -1.468  -4.140  -1.212  1.00 0.59 ? 6  DG  A "C4'"  1 
ATOM   183 O "O4'"  . DG  A 1 6  ? -1.603  -2.794  -0.704  1.00 0.55 ? 6  DG  A "O4'"  1 
ATOM   184 C "C3'"  . DG  A 1 6  ? -2.152  -5.086  -0.235  1.00 0.59 ? 6  DG  A "C3'"  1 
ATOM   185 O "O3'"  . DG  A 1 6  ? -1.191  -5.933  0.403   1.00 0.64 ? 6  DG  A "O3'"  1 
ATOM   186 C "C2'"  . DG  A 1 6  ? -2.847  -4.198  0.764   1.00 0.55 ? 6  DG  A "C2'"  1 
ATOM   187 C "C1'"  . DG  A 1 6  ? -2.263  -2.812  0.577   1.00 0.53 ? 6  DG  A "C1'"  1 
ATOM   188 N N9     . DG  A 1 6  ? -3.313  -1.778  0.651   1.00 0.51 ? 6  DG  A N9     1 
ATOM   189 C C8     . DG  A 1 6  ? -4.485  -1.675  -0.024  1.00 0.56 ? 6  DG  A C8     1 
ATOM   190 N N7     . DG  A 1 6  ? -5.235  -0.655  0.233   1.00 0.52 ? 6  DG  A N7     1 
ATOM   191 C C5     . DG  A 1 6  ? -4.481  0.017   1.198   1.00 0.45 ? 6  DG  A C5     1 
ATOM   192 C C6     . DG  A 1 6  ? -4.759  1.223   1.893   1.00 0.42 ? 6  DG  A C6     1 
ATOM   193 O O6     . DG  A 1 6  ? -5.739  1.957   1.786   1.00 0.42 ? 6  DG  A O6     1 
ATOM   194 N N1     . DG  A 1 6  ? -3.741  1.546   2.779   1.00 0.42 ? 6  DG  A N1     1 
ATOM   195 C C2     . DG  A 1 6  ? -2.593  0.805   2.978   1.00 0.44 ? 6  DG  A C2     1 
ATOM   196 N N2     . DG  A 1 6  ? -1.733  1.275   3.881   1.00 0.50 ? 6  DG  A N2     1 
ATOM   197 N N3     . DG  A 1 6  ? -2.323  -0.330  2.328   1.00 0.43 ? 6  DG  A N3     1 
ATOM   198 C C4     . DG  A 1 6  ? -3.303  -0.666  1.459   1.00 0.45 ? 6  DG  A C4     1 
ATOM   199 H "H5'"  . DG  A 1 6  ? -1.690  -3.499  -3.241  1.00 0.75 ? 6  DG  A "H5'"  1 
ATOM   200 H "H5''" . DG  A 1 6  ? -1.895  -5.247  -2.991  1.00 0.77 ? 6  DG  A "H5''" 1 
ATOM   201 H "H4'"  . DG  A 1 6  ? -0.412  -4.395  -1.281  1.00 0.64 ? 6  DG  A "H4'"  1 
ATOM   202 H "H3'"  . DG  A 1 6  ? -2.894  -5.689  -0.767  1.00 0.65 ? 6  DG  A "H3'"  1 
ATOM   203 H "H2'"  . DG  A 1 6  ? -3.917  -4.184  0.559   1.00 0.58 ? 6  DG  A "H2'"  1 
ATOM   204 H "H2''" . DG  A 1 6  ? -2.666  -4.550  1.779   1.00 0.55 ? 6  DG  A "H2''" 1 
ATOM   205 H "H1'"  . DG  A 1 6  ? -1.526  -2.630  1.358   1.00 0.54 ? 6  DG  A "H1'"  1 
ATOM   206 H H8     . DG  A 1 6  ? -4.789  -2.429  -0.746  1.00 0.64 ? 6  DG  A H8     1 
ATOM   207 H H1     . DG  A 1 6  ? -3.877  2.390   3.313   1.00 0.45 ? 6  DG  A H1     1 
ATOM   208 H H21    . DG  A 1 6  ? -1.937  2.132   4.372   1.00 0.53 ? 6  DG  A H21    1 
ATOM   209 H H22    . DG  A 1 6  ? -0.877  0.773   4.072   1.00 0.52 ? 6  DG  A H22    1 
ATOM   210 P P      . DT  A 1 7  ? -1.635  -6.946  1.576   1.00 0.70 ? 7  DT  A P      1 
ATOM   211 O OP1    . DT  A 1 7  ? -0.625  -8.019  1.664   1.00 1.62 ? 7  DT  A OP1    1 
ATOM   212 O OP2    . DT  A 1 7  ? -3.054  -7.304  1.373   1.00 1.33 ? 7  DT  A OP2    1 
ATOM   213 O "O5'"  . DT  A 1 7  ? -1.542  -6.027  2.901   1.00 0.76 ? 7  DT  A "O5'"  1 
ATOM   214 C "C5'"  . DT  A 1 7  ? -0.284  -5.532  3.378   1.00 0.89 ? 7  DT  A "C5'"  1 
ATOM   215 C "C4'"  . DT  A 1 7  ? -0.466  -4.662  4.624   1.00 0.83 ? 7  DT  A "C4'"  1 
ATOM   216 O "O4'"  . DT  A 1 7  ? -1.247  -3.483  4.324   1.00 0.74 ? 7  DT  A "O4'"  1 
ATOM   217 C "C3'"  . DT  A 1 7  ? -1.180  -5.430  5.736   1.00 0.79 ? 7  DT  A "C3'"  1 
ATOM   218 O "O3'"  . DT  A 1 7  ? -0.315  -5.577  6.875   1.00 0.88 ? 7  DT  A "O3'"  1 
ATOM   219 C "C2'"  . DT  A 1 7  ? -2.404  -4.609  6.076   1.00 0.68 ? 7  DT  A "C2'"  1 
ATOM   220 C "C1'"  . DT  A 1 7  ? -2.257  -3.289  5.335   1.00 0.65 ? 7  DT  A "C1'"  1 
ATOM   221 N N1     . DT  A 1 7  ? -3.538  -2.854  4.729   1.00 0.58 ? 7  DT  A N1     1 
ATOM   222 C C2     . DT  A 1 7  ? -3.971  -1.567  5.000   1.00 0.58 ? 7  DT  A C2     1 
ATOM   223 O O2     . DT  A 1 7  ? -3.340  -0.798  5.722   1.00 0.64 ? 7  DT  A O2     1 
ATOM   224 N N3     . DT  A 1 7  ? -5.160  -1.191  4.406   1.00 0.56 ? 7  DT  A N3     1 
ATOM   225 C C4     . DT  A 1 7  ? -5.944  -1.972  3.580   1.00 0.54 ? 7  DT  A C4     1 
ATOM   226 O O4     . DT  A 1 7  ? -6.984  -1.523  3.100   1.00 0.57 ? 7  DT  A O4     1 
ATOM   227 C C5     . DT  A 1 7  ? -5.418  -3.299  3.353   1.00 0.54 ? 7  DT  A C5     1 
ATOM   228 C C7     . DT  A 1 7  ? -6.186  -4.269  2.461   1.00 0.58 ? 7  DT  A C7     1 
ATOM   229 C C6     . DT  A 1 7  ? -4.259  -3.693  3.920   1.00 0.56 ? 7  DT  A C6     1 
ATOM   230 H "H5'"  . DT  A 1 7  ? 0.191   -4.937  2.594   1.00 1.26 ? 7  DT  A "H5'"  1 
ATOM   231 H "H5''" . DT  A 1 7  ? 0.366   -6.376  3.624   1.00 1.03 ? 7  DT  A "H5''" 1 
ATOM   232 H "H4'"  . DT  A 1 7  ? 0.513   -4.351  4.984   1.00 0.93 ? 7  DT  A "H4'"  1 
ATOM   233 H "H3'"  . DT  A 1 7  ? -1.490  -6.411  5.369   1.00 0.83 ? 7  DT  A "H3'"  1 
ATOM   234 H "H2'"  . DT  A 1 7  ? -3.301  -5.128  5.739   1.00 0.65 ? 7  DT  A "H2'"  1 
ATOM   235 H "H2''" . DT  A 1 7  ? -2.457  -4.434  7.150   1.00 0.68 ? 7  DT  A "H2''" 1 
ATOM   236 H "H1'"  . DT  A 1 7  ? -1.918  -2.527  6.036   1.00 0.69 ? 7  DT  A "H1'"  1 
ATOM   237 H H3     . DT  A 1 7  ? -5.493  -0.258  4.601   1.00 0.60 ? 7  DT  A H3     1 
ATOM   238 H H71    . DT  A 1 7  ? -7.256  -4.103  2.580   1.00 1.12 ? 7  DT  A H71    1 
ATOM   239 H H72    . DT  A 1 7  ? -5.945  -5.294  2.747   1.00 1.12 ? 7  DT  A H72    1 
ATOM   240 H H73    . DT  A 1 7  ? -5.904  -4.107  1.421   1.00 1.06 ? 7  DT  A H73    1 
ATOM   241 H H6     . DT  A 1 7  ? -3.888  -4.701  3.730   1.00 0.59 ? 7  DT  A H6     1 
ATOM   242 P P      . DG  A 1 8  ? -0.792  -6.354  8.208   1.00 1.04 ? 8  DG  A P      1 
ATOM   243 O OP1    . DG  A 1 8  ? 0.413   -6.808  8.940   1.00 1.93 ? 8  DG  A OP1    1 
ATOM   244 O OP2    . DG  A 1 8  ? -1.831  -7.336  7.832   1.00 1.63 ? 8  DG  A OP2    1 
ATOM   245 O "O5'"  . DG  A 1 8  ? -1.493  -5.188  9.072   1.00 0.96 ? 8  DG  A "O5'"  1 
ATOM   246 C "C5'"  . DG  A 1 8  ? -0.708  -4.204  9.752   1.00 0.98 ? 8  DG  A "C5'"  1 
ATOM   247 C "C4'"  . DG  A 1 8  ? -1.580  -3.313  10.631  1.00 0.93 ? 8  DG  A "C4'"  1 
ATOM   248 O "O4'"  . DG  A 1 8  ? -2.561  -2.613  9.834   1.00 0.86 ? 8  DG  A "O4'"  1 
ATOM   249 C "C3'"  . DG  A 1 8  ? -2.320  -4.141  11.673  1.00 0.86 ? 8  DG  A "C3'"  1 
ATOM   250 O "O3'"  . DG  A 1 8  ? -2.074  -3.603  12.986  1.00 0.95 ? 8  DG  A "O3'"  1 
ATOM   251 C "C2'"  . DG  A 1 8  ? -3.777  -4.051  11.288  1.00 0.75 ? 8  DG  A "C2'"  1 
ATOM   252 C "C1'"  . DG  A 1 8  ? -3.886  -2.874  10.339  1.00 0.75 ? 8  DG  A "C1'"  1 
ATOM   253 N N9     . DG  A 1 8  ? -4.831  -3.143  9.234   1.00 0.65 ? 8  DG  A N9     1 
ATOM   254 C C8     . DG  A 1 8  ? -4.903  -4.198  8.381   1.00 0.62 ? 8  DG  A C8     1 
ATOM   255 N N7     . DG  A 1 8  ? -5.812  -4.162  7.463   1.00 0.56 ? 8  DG  A N7     1 
ATOM   256 C C5     . DG  A 1 8  ? -6.433  -2.938  7.723   1.00 0.54 ? 8  DG  A C5     1 
ATOM   257 C C6     . DG  A 1 8  ? -7.520  -2.307  7.058   1.00 0.52 ? 8  DG  A C6     1 
ATOM   258 O O6     . DG  A 1 8  ? -8.153  -2.704  6.082   1.00 0.53 ? 8  DG  A O6     1 
ATOM   259 N N1     . DG  A 1 8  ? -7.833  -1.086  7.639   1.00 0.55 ? 8  DG  A N1     1 
ATOM   260 C C2     . DG  A 1 8  ? -7.187  -0.533  8.726   1.00 0.58 ? 8  DG  A C2     1 
ATOM   261 N N2     . DG  A 1 8  ? -7.640  0.647   9.149   1.00 0.63 ? 8  DG  A N2     1 
ATOM   262 N N3     . DG  A 1 8  ? -6.164  -1.117  9.355   1.00 0.61 ? 8  DG  A N3     1 
ATOM   263 C C4     . DG  A 1 8  ? -5.840  -2.310  8.806   1.00 0.59 ? 8  DG  A C4     1 
ATOM   264 H "H5'"  . DG  A 1 8  ? -0.195  -3.585  9.017   1.00 1.21 ? 8  DG  A "H5'"  1 
ATOM   265 H "H5''" . DG  A 1 8  ? 0.032   -4.705  10.377  1.00 1.16 ? 8  DG  A "H5''" 1 
ATOM   266 H "H4'"  . DG  A 1 8  ? -0.950  -2.583  11.139  1.00 1.03 ? 8  DG  A "H4'"  1 
ATOM   267 H "H3'"  . DG  A 1 8  ? -1.990  -5.182  11.624  1.00 0.88 ? 8  DG  A "H3'"  1 
ATOM   268 H "H2'"  . DG  A 1 8  ? -4.082  -4.968  10.786  1.00 0.70 ? 8  DG  A "H2'"  1 
ATOM   269 H "H2''" . DG  A 1 8  ? -4.399  -3.883  12.166  1.00 0.75 ? 8  DG  A "H2''" 1 
ATOM   270 H "H1'"  . DG  A 1 8  ? -4.230  -2.002  10.896  1.00 0.78 ? 8  DG  A "H1'"  1 
ATOM   271 H H8     . DG  A 1 8  ? -4.225  -5.045  8.471   1.00 0.68 ? 8  DG  A H8     1 
ATOM   272 H H1     . DG  A 1 8  ? -8.599  -0.582  7.216   1.00 0.57 ? 8  DG  A H1     1 
ATOM   273 H H21    . DG  A 1 8  ? -8.414  1.091   8.675   1.00 0.64 ? 8  DG  A H21    1 
ATOM   274 H H22    . DG  A 1 8  ? -7.211  1.097   9.945   1.00 0.67 ? 8  DG  A H22    1 
ATOM   275 P P      . DG  A 1 9  ? -3.068  -3.882  14.227  1.00 0.95 ? 9  DG  A P      1 
ATOM   276 O OP1    . DG  A 1 9  ? -2.402  -3.430  15.466  1.00 1.84 ? 9  DG  A OP1    1 
ATOM   277 O OP2    . DG  A 1 9  ? -3.564  -5.273  14.129  1.00 1.48 ? 9  DG  A OP2    1 
ATOM   278 O "O5'"  . DG  A 1 9  ? -4.300  -2.890  13.918  1.00 0.91 ? 9  DG  A "O5'"  1 
ATOM   279 C "C5'"  . DG  A 1 9  ? -4.185  -1.475  14.111  1.00 1.03 ? 9  DG  A "C5'"  1 
ATOM   280 C "C4'"  . DG  A 1 9  ? -5.553  -0.860  14.379  1.00 0.96 ? 9  DG  A "C4'"  1 
ATOM   281 O "O4'"  . DG  A 1 9  ? -6.355  -0.849  13.175  1.00 0.83 ? 9  DG  A "O4'"  1 
ATOM   282 C "C3'"  . DG  A 1 9  ? -6.300  -1.666  15.435  1.00 0.93 ? 9  DG  A "C3'"  1 
ATOM   283 O "O3'"  . DG  A 1 9  ? -6.774  -0.793  16.479  1.00 1.06 ? 9  DG  A "O3'"  1 
ATOM   284 C "C2'"  . DG  A 1 9  ? -7.429  -2.337  14.690  1.00 0.75 ? 9  DG  A "C2'"  1 
ATOM   285 C "C1'"  . DG  A 1 9  ? -7.585  -1.568  13.392  1.00 0.68 ? 9  DG  A "C1'"  1 
ATOM   286 N N9     . DG  A 1 9  ? -7.883  -2.464  12.255  1.00 0.55 ? 9  DG  A N9     1 
ATOM   287 C C8     . DG  A 1 9  ? -7.278  -3.616  11.867  1.00 0.55 ? 9  DG  A C8     1 
ATOM   288 N N7     . DG  A 1 9  ? -7.716  -4.191  10.798  1.00 0.48 ? 9  DG  A N7     1 
ATOM   289 C C5     . DG  A 1 9  ? -8.745  -3.328  10.411  1.00 0.42 ? 9  DG  A C5     1 
ATOM   290 C C6     . DG  A 1 9  ? -9.626  -3.401  9.298   1.00 0.40 ? 9  DG  A C6     1 
ATOM   291 O O6     . DG  A 1 9  ? -9.667  -4.250  8.411   1.00 0.45 ? 9  DG  A O6     1 
ATOM   292 N N1     . DG  A 1 9  ? -10.514 -2.333  9.279   1.00 0.41 ? 9  DG  A N1     1 
ATOM   293 C C2     . DG  A 1 9  ? -10.555 -1.317  10.212  1.00 0.43 ? 9  DG  A C2     1 
ATOM   294 N N2     . DG  A 1 9  ? -11.494 -0.388  10.035  1.00 0.49 ? 9  DG  A N2     1 
ATOM   295 N N3     . DG  A 1 9  ? -9.728  -1.239  11.258  1.00 0.47 ? 9  DG  A N3     1 
ATOM   296 C C4     . DG  A 1 9  ? -8.855  -2.270  11.299  1.00 0.46 ? 9  DG  A C4     1 
ATOM   297 H "H5'"  . DG  A 1 9  ? -3.759  -1.025  13.214  1.00 1.08 ? 9  DG  A "H5'"  1 
ATOM   298 H "H5''" . DG  A 1 9  ? -3.528  -1.276  14.959  1.00 1.17 ? 9  DG  A "H5''" 1 
ATOM   299 H "H4'"  . DG  A 1 9  ? -5.425  0.164   14.732  1.00 1.08 ? 9  DG  A "H4'"  1 
ATOM   300 H "H3'"  . DG  A 1 9  ? -5.637  -2.428  15.855  1.00 0.99 ? 9  DG  A "H3'"  1 
ATOM   301 H "H2'"  . DG  A 1 9  ? -7.163  -3.373  14.481  1.00 0.75 ? 9  DG  A "H2'"  1 
ATOM   302 H "H2''" . DG  A 1 9  ? -8.351  -2.298  15.265  1.00 0.74 ? 9  DG  A "H2''" 1 
ATOM   303 H "H1'"  . DG  A 1 9  ? -8.400  -0.852  13.503  1.00 0.68 ? 9  DG  A "H1'"  1 
ATOM   304 H H8     . DG  A 1 9  ? -6.458  -4.044  12.443  1.00 0.65 ? 9  DG  A H8     1 
ATOM   305 H H1     . DG  A 1 9  ? -11.171 -2.322  8.513   1.00 0.45 ? 9  DG  A H1     1 
ATOM   306 H H21    . DG  A 1 9  ? -12.118 -0.445  9.244   1.00 0.52 ? 9  DG  A H21    1 
ATOM   307 H H22    . DG  A 1 9  ? -11.583 0.370   10.696  1.00 0.54 ? 9  DG  A H22    1 
ATOM   308 P P      . DT  A 1 10 ? -8.051  -1.163  17.400  1.00 0.81 ? 10 DT  A P      1 
ATOM   309 O OP1    . DT  A 1 10 ? -8.075  -0.245  18.559  1.00 1.35 ? 10 DT  A OP1    1 
ATOM   310 O OP2    . DT  A 1 10 ? -8.065  -2.622  17.626  1.00 1.73 ? 10 DT  A OP2    1 
ATOM   311 O "O5'"  . DT  A 1 10 ? -9.287  -0.797  16.439  1.00 0.80 ? 10 DT  A "O5'"  1 
ATOM   312 C "C5'"  . DT  A 1 10 ? -9.556  0.559   16.070  1.00 0.89 ? 10 DT  A "C5'"  1 
ATOM   313 C "C4'"  . DT  A 1 10 ? -10.979 0.701   15.548  1.00 0.90 ? 10 DT  A "C4'"  1 
ATOM   314 O "O4'"  . DT  A 1 10 ? -11.113 0.049   14.267  1.00 0.76 ? 10 DT  A "O4'"  1 
ATOM   315 C "C3'"  . DT  A 1 10 ? -11.966 0.058   16.516  1.00 0.95 ? 10 DT  A "C3'"  1 
ATOM   316 O "O3'"  . DT  A 1 10 ? -12.944 1.016   16.954  1.00 1.10 ? 10 DT  A "O3'"  1 
ATOM   317 C "C2'"  . DT  A 1 10 ? -12.604 -1.073  15.750  1.00 0.83 ? 10 DT  A "C2'"  1 
ATOM   318 C "C1'"  . DT  A 1 10 ? -12.209 -0.887  14.298  1.00 0.70 ? 10 DT  A "C1'"  1 
ATOM   319 N N1     . DT  A 1 10 ? -11.830 -2.178  13.675  1.00 0.56 ? 10 DT  A N1     1 
ATOM   320 C C2     . DT  A 1 10 ? -12.437 -2.507  12.478  1.00 0.51 ? 10 DT  A C2     1 
ATOM   321 O O2     . DT  A 1 10 ? -13.269 -1.781  11.939  1.00 0.60 ? 10 DT  A O2     1 
ATOM   322 N N3     . DT  A 1 10 ? -12.058 -3.713  11.922  1.00 0.46 ? 10 DT  A N3     1 
ATOM   323 C C4     . DT  A 1 10 ? -11.144 -4.606  12.447  1.00 0.51 ? 10 DT  A C4     1 
ATOM   324 O O4     . DT  A 1 10 ? -10.886 -5.652  11.857  1.00 0.58 ? 10 DT  A O4     1 
ATOM   325 C C5     . DT  A 1 10 ? -10.562 -4.181  13.701  1.00 0.58 ? 10 DT  A C5     1 
ATOM   326 C C7     . DT  A 1 10 ? -9.551  -5.083  14.404  1.00 0.74 ? 10 DT  A C7     1 
ATOM   327 C C6     . DT  A 1 10 ? -10.912 -3.007  14.266  1.00 0.58 ? 10 DT  A C6     1 
ATOM   328 H "H5'"  . DT  A 1 10 ? -8.857  0.864   15.291  1.00 0.89 ? 10 DT  A "H5'"  1 
ATOM   329 H "H5''" . DT  A 1 10 ? -9.427  1.205   16.940  1.00 1.01 ? 10 DT  A "H5''" 1 
ATOM   330 H "H4'"  . DT  A 1 10 ? -11.222 1.757   15.438  1.00 1.02 ? 10 DT  A "H4'"  1 
ATOM   331 H "H3'"  . DT  A 1 10 ? -11.427 -0.349  17.377  1.00 1.02 ? 10 DT  A "H3'"  1 
ATOM   332 H "H2'"  . DT  A 1 10 ? -12.227 -2.026  16.123  1.00 0.83 ? 10 DT  A "H2'"  1 
ATOM   333 H "H2''" . DT  A 1 10 ? -13.686 -1.037  15.849  1.00 0.92 ? 10 DT  A "H2''" 1 
ATOM   334 H "H1'"  . DT  A 1 10 ? -13.050 -0.463  13.754  1.00 0.75 ? 10 DT  A "H1'"  1 
ATOM   335 H H3     . DT  A 1 10 ? -12.492 -3.967  11.045  1.00 0.47 ? 10 DT  A H3     1 
ATOM   336 H H71    . DT  A 1 10 ? -10.038 -6.008  14.703  1.00 1.23 ? 10 DT  A H71    1 
ATOM   337 H H72    . DT  A 1 10 ? -9.163  -4.579  15.285  1.00 1.09 ? 10 DT  A H72    1 
ATOM   338 H H73    . DT  A 1 10 ? -8.733  -5.308  13.726  1.00 1.45 ? 10 DT  A H73    1 
ATOM   339 H H6     . DT  A 1 10 ? -10.454 -2.712  15.212  1.00 0.68 ? 10 DT  A H6     1 
ATOM   340 P P      . DG  A 1 11 ? -14.315 0.558   17.680  1.00 1.48 ? 11 DG  A P      1 
ATOM   341 O OP1    . DG  A 1 11 ? -14.847 1.708   18.439  1.00 1.60 ? 11 DG  A OP1    1 
ATOM   342 O OP2    . DG  A 1 11 ? -14.077 -0.725  18.373  1.00 2.50 ? 11 DG  A OP2    1 
ATOM   343 O "O5'"  . DG  A 1 11 ? -15.296 0.274   16.433  1.00 1.48 ? 11 DG  A "O5'"  1 
ATOM   344 C "C5'"  . DG  A 1 11 ? -15.734 1.343   15.587  1.00 1.66 ? 11 DG  A "C5'"  1 
ATOM   345 C "C4'"  . DG  A 1 11 ? -16.857 0.893   14.655  1.00 1.68 ? 11 DG  A "C4'"  1 
ATOM   346 O "O4'"  . DG  A 1 11 ? -16.358 -0.033  13.665  1.00 1.37 ? 11 DG  A "O4'"  1 
ATOM   347 C "C3'"  . DG  A 1 11 ? -17.967 0.202   15.439  1.00 1.86 ? 11 DG  A "C3'"  1 
ATOM   348 O "O3'"  . DG  A 1 11 ? -19.205 0.913   15.316  1.00 2.17 ? 11 DG  A "O3'"  1 
ATOM   349 C "C2'"  . DG  A 1 11 ? -18.086 -1.185  14.857  1.00 1.69 ? 11 DG  A "C2'"  1 
ATOM   350 C "C1'"  . DG  A 1 11 ? -17.135 -1.249  13.670  1.00 1.37 ? 11 DG  A "C1'"  1 
ATOM   351 N N9     . DG  A 1 11 ? -16.253 -2.433  13.745  1.00 1.13 ? 11 DG  A N9     1 
ATOM   352 C C8     . DG  A 1 11 ? -15.365 -2.798  14.704  1.00 1.08 ? 11 DG  A C8     1 
ATOM   353 N N7     . DG  A 1 11 ? -14.696 -3.886  14.518  1.00 1.02 ? 11 DG  A N7     1 
ATOM   354 C C5     . DG  A 1 11 ? -15.187 -4.315  13.282  1.00 0.95 ? 11 DG  A C5     1 
ATOM   355 C C6     . DG  A 1 11 ? -14.850 -5.464  12.520  1.00 0.95 ? 11 DG  A C6     1 
ATOM   356 O O6     . DG  A 1 11 ? -14.032 -6.342  12.786  1.00 1.07 ? 11 DG  A O6     1 
ATOM   357 N N1     . DG  A 1 11 ? -15.576 -5.523  11.339  1.00 0.93 ? 11 DG  A N1     1 
ATOM   358 C C2     . DG  A 1 11 ? -16.513 -4.594  10.933  1.00 0.99 ? 11 DG  A C2     1 
ATOM   359 N N2     . DG  A 1 11 ? -17.104 -4.823  9.759   1.00 1.07 ? 11 DG  A N2     1 
ATOM   360 N N3     . DG  A 1 11 ? -16.836 -3.511  11.644  1.00 1.07 ? 11 DG  A N3     1 
ATOM   361 C C4     . DG  A 1 11 ? -16.141 -3.432  12.802  1.00 1.02 ? 11 DG  A C4     1 
ATOM   362 H "H5'"  . DG  A 1 11 ? -14.890 1.689   14.987  1.00 1.59 ? 11 DG  A "H5'"  1 
ATOM   363 H "H5''" . DG  A 1 11 ? -16.089 2.168   16.207  1.00 1.91 ? 11 DG  A "H5''" 1 
ATOM   364 H "H4'"  . DG  A 1 11 ? -17.270 1.766   14.149  1.00 1.86 ? 11 DG  A "H4'"  1 
ATOM   365 H "H3'"  . DG  A 1 11 ? -17.681 0.131   16.492  1.00 1.92 ? 11 DG  A "H3'"  1 
ATOM   366 H "HO3'" . DG  A 1 11 ? -18.990 1.836   15.166  1.00 2.42 ? 11 DG  A "HO3'" 1 
ATOM   367 H "H2'"  . DG  A 1 11 ? -17.802 -1.928  15.602  1.00 1.69 ? 11 DG  A "H2'"  1 
ATOM   368 H "H2''" . DG  A 1 11 ? -19.109 -1.364  14.522  1.00 1.84 ? 11 DG  A "H2''" 1 
ATOM   369 H "H1'"  . DG  A 1 11 ? -17.720 -1.301  12.751  1.00 1.41 ? 11 DG  A "H1'"  1 
ATOM   370 H H8     . DG  A 1 11 ? -15.225 -2.197  15.601  1.00 1.17 ? 11 DG  A H8     1 
ATOM   371 H H1     . DG  A 1 11 ? -15.387 -6.319  10.747  1.00 0.97 ? 11 DG  A H1     1 
ATOM   372 H H21    . DG  A 1 11 ? -16.861 -5.644  9.223   1.00 1.05 ? 11 DG  A H21    1 
ATOM   373 H H22    . DG  A 1 11 ? -17.795 -4.177  9.408   1.00 1.21 ? 11 DG  A H22    1 
ATOM   374 O "O5'"  . DC  B 2 1  ? -16.021 -13.110 7.763   1.00 1.68 ? 12 DC  B "O5'"  1 
ATOM   375 C "C5'"  . DC  B 2 1  ? -17.342 -13.005 7.238   1.00 1.53 ? 12 DC  B "C5'"  1 
ATOM   376 C "C4'"  . DC  B 2 1  ? -17.621 -11.599 6.719   1.00 1.41 ? 12 DC  B "C4'"  1 
ATOM   377 O "O4'"  . DC  B 2 1  ? -17.435 -10.623 7.769   1.00 1.37 ? 12 DC  B "O4'"  1 
ATOM   378 C "C3'"  . DC  B 2 1  ? -16.687 -11.246 5.568   1.00 1.25 ? 12 DC  B "C3'"  1 
ATOM   379 O "O3'"  . DC  B 2 1  ? -17.462 -10.864 4.414   1.00 1.37 ? 12 DC  B "O3'"  1 
ATOM   380 C "C2'"  . DC  B 2 1  ? -15.822 -10.116 6.086   1.00 1.09 ? 12 DC  B "C2'"  1 
ATOM   381 C "C1'"  . DC  B 2 1  ? -16.478 -9.624  7.364   1.00 1.14 ? 12 DC  B "C1'"  1 
ATOM   382 N N1     . DC  B 2 1  ? -15.488 -9.373  8.444   1.00 1.05 ? 12 DC  B N1     1 
ATOM   383 C C2     . DC  B 2 1  ? -15.550 -8.146  9.088   1.00 0.98 ? 12 DC  B C2     1 
ATOM   384 O O2     . DC  B 2 1  ? -16.348 -7.289  8.714   1.00 1.01 ? 12 DC  B O2     1 
ATOM   385 N N3     . DC  B 2 1  ? -14.706 -7.916  10.128  1.00 0.97 ? 12 DC  B N3     1 
ATOM   386 C C4     . DC  B 2 1  ? -13.830 -8.844  10.528  1.00 1.07 ? 12 DC  B C4     1 
ATOM   387 N N4     . DC  B 2 1  ? -13.044 -8.590  11.577  1.00 1.17 ? 12 DC  B N4     1 
ATOM   388 C C5     . DC  B 2 1  ? -13.748 -10.108 9.867   1.00 1.14 ? 12 DC  B C5     1 
ATOM   389 C C6     . DC  B 2 1  ? -14.589 -10.332 8.835   1.00 1.10 ? 12 DC  B C6     1 
ATOM   390 H "H5'"  . DC  B 2 1  ? -18.057 -13.241 8.025   1.00 1.80 ? 12 DC  B "H5'"  1 
ATOM   391 H "H5''" . DC  B 2 1  ? -17.459 -13.718 6.422   1.00 1.54 ? 12 DC  B "H5''" 1 
ATOM   392 H "H4'"  . DC  B 2 1  ? -18.652 -11.547 6.366   1.00 1.54 ? 12 DC  B "H4'"  1 
ATOM   393 H "H3'"  . DC  B 2 1  ? -16.056 -12.105 5.328   1.00 1.26 ? 12 DC  B "H3'"  1 
ATOM   394 H "H2'"  . DC  B 2 1  ? -14.821 -10.491 6.297   1.00 1.05 ? 12 DC  B "H2'"  1 
ATOM   395 H "H2''" . DC  B 2 1  ? -15.769 -9.308  5.360   1.00 1.06 ? 12 DC  B "H2''" 1 
ATOM   396 H "H1'"  . DC  B 2 1  ? -17.010 -8.697  7.150   1.00 1.15 ? 12 DC  B "H1'"  1 
ATOM   397 H H41    . DC  B 2 1  ? -13.101 -7.696  12.046  1.00 1.14 ? 12 DC  B H41    1 
ATOM   398 H H42    . DC  B 2 1  ? -12.395 -9.291  11.905  1.00 1.30 ? 12 DC  B H42    1 
ATOM   399 H H5     . DC  B 2 1  ? -13.032 -10.865 10.186  1.00 1.26 ? 12 DC  B H5     1 
ATOM   400 H H6     . DC  B 2 1  ? -14.545 -11.282 8.305   1.00 1.17 ? 12 DC  B H6     1 
ATOM   401 H "HO5'" . DC  B 2 1  ? -15.648 -12.228 7.767   1.00 2.06 ? 12 DC  B "HO5'" 1 
ATOM   402 P P      . DA  B 2 2  ? -16.956 -9.758  3.349   1.00 1.29 ? 13 DA  B P      1 
ATOM   403 O OP1    . DA  B 2 2  ? -17.923 -9.712  2.231   1.00 1.94 ? 13 DA  B OP1    1 
ATOM   404 O OP2    . DA  B 2 2  ? -15.524 -9.997  3.068   1.00 1.96 ? 13 DA  B OP2    1 
ATOM   405 O "O5'"  . DA  B 2 2  ? -17.078 -8.386  4.185   1.00 1.07 ? 13 DA  B "O5'"  1 
ATOM   406 C "C5'"  . DA  B 2 2  ? -18.352 -7.804  4.481   1.00 1.09 ? 13 DA  B "C5'"  1 
ATOM   407 C "C4'"  . DA  B 2 2  ? -18.224 -6.294  4.651   1.00 0.98 ? 13 DA  B "C4'"  1 
ATOM   408 O "O4'"  . DA  B 2 2  ? -17.486 -5.977  5.852   1.00 0.88 ? 13 DA  B "O4'"  1 
ATOM   409 C "C3'"  . DA  B 2 2  ? -17.484 -5.683  3.466   1.00 0.95 ? 13 DA  B "C3'"  1 
ATOM   410 O "O3'"  . DA  B 2 2  ? -18.249 -4.594  2.916   1.00 0.99 ? 13 DA  B "O3'"  1 
ATOM   411 C "C2'"  . DA  B 2 2  ? -16.156 -5.225  4.021   1.00 0.85 ? 13 DA  B "C2'"  1 
ATOM   412 C "C1'"  . DA  B 2 2  ? -16.316 -5.194  5.529   1.00 0.80 ? 13 DA  B "C1'"  1 
ATOM   413 N N9     . DA  B 2 2  ? -15.121 -5.726  6.217   1.00 0.75 ? 13 DA  B N9     1 
ATOM   414 C C8     . DA  B 2 2  ? -14.382 -6.833  5.953   1.00 0.81 ? 13 DA  B C8     1 
ATOM   415 N N7     . DA  B 2 2  ? -13.401 -7.099  6.752   1.00 0.77 ? 13 DA  B N7     1 
ATOM   416 C C5     . DA  B 2 2  ? -13.488 -6.043  7.664   1.00 0.67 ? 13 DA  B C5     1 
ATOM   417 C C6     . DA  B 2 2  ? -12.737 -5.704  8.794   1.00 0.61 ? 13 DA  B C6     1 
ATOM   418 N N6     . DA  B 2 2  ? -11.705 -6.428  9.230   1.00 0.64 ? 13 DA  B N6     1 
ATOM   419 N N1     . DA  B 2 2  ? -13.095 -4.594  9.463   1.00 0.54 ? 13 DA  B N1     1 
ATOM   420 C C2     . DA  B 2 2  ? -14.127 -3.859  9.049   1.00 0.53 ? 13 DA  B C2     1 
ATOM   421 N N3     . DA  B 2 2  ? -14.905 -4.088  7.998   1.00 0.59 ? 13 DA  B N3     1 
ATOM   422 C C4     . DA  B 2 2  ? -14.529 -5.204  7.344   1.00 0.66 ? 13 DA  B C4     1 
ATOM   423 H "H5'"  . DA  B 2 2  ? -18.739 -8.237  5.404   1.00 1.14 ? 13 DA  B "H5'"  1 
ATOM   424 H "H5''" . DA  B 2 2  ? -19.047 -8.017  3.667   1.00 1.20 ? 13 DA  B "H5''" 1 
ATOM   425 H "H4'"  . DA  B 2 2  ? -19.220 -5.855  4.718   1.00 1.05 ? 13 DA  B "H4'"  1 
ATOM   426 H "H3'"  . DA  B 2 2  ? -17.317 -6.447  2.702   1.00 1.00 ? 13 DA  B "H3'"  1 
ATOM   427 H "H2'"  . DA  B 2 2  ? -15.379 -5.937  3.744   1.00 0.88 ? 13 DA  B "H2'"  1 
ATOM   428 H "H2''" . DA  B 2 2  ? -15.901 -4.235  3.650   1.00 0.84 ? 13 DA  B "H2''" 1 
ATOM   429 H "H1'"  . DA  B 2 2  ? -16.480 -4.163  5.847   1.00 0.77 ? 13 DA  B "H1'"  1 
ATOM   430 H H8     . DA  B 2 2  ? -14.602 -7.472  5.098   1.00 0.89 ? 13 DA  B H8     1 
ATOM   431 H H61    . DA  B 2 2  ? -11.198 -6.140  10.055  1.00 0.62 ? 13 DA  B H61    1 
ATOM   432 H H62    . DA  B 2 2  ? -11.433 -7.267  8.737   1.00 0.71 ? 13 DA  B H62    1 
ATOM   433 H H2     . DA  B 2 2  ? -14.360 -2.972  9.639   1.00 0.50 ? 13 DA  B H2     1 
ATOM   434 P P      . DC  B 2 3  ? -17.561 -3.380  2.098   1.00 0.91 ? 14 DC  B P      1 
ATOM   435 O OP1    . DC  B 2 3  ? -18.615 -2.676  1.338   1.00 1.75 ? 14 DC  B OP1    1 
ATOM   436 O OP2    . DC  B 2 3  ? -16.373 -3.903  1.388   1.00 1.55 ? 14 DC  B OP2    1 
ATOM   437 O "O5'"  . DC  B 2 3  ? -17.053 -2.409  3.279   1.00 0.79 ? 14 DC  B "O5'"  1 
ATOM   438 C "C5'"  . DC  B 2 3  ? -17.991 -1.791  4.168   1.00 0.83 ? 14 DC  B "C5'"  1 
ATOM   439 C "C4'"  . DC  B 2 3  ? -17.326 -0.712  5.017   1.00 0.74 ? 14 DC  B "C4'"  1 
ATOM   440 O "O4'"  . DC  B 2 3  ? -16.377 -1.290  5.945   1.00 0.66 ? 14 DC  B "O4'"  1 
ATOM   441 C "C3'"  . DC  B 2 3  ? -16.587 0.285   4.135   1.00 0.71 ? 14 DC  B "C3'"  1 
ATOM   442 O "O3'"  . DC  B 2 3  ? -17.155 1.601   4.292   1.00 0.73 ? 14 DC  B "O3'"  1 
ATOM   443 C "C2'"  . DC  B 2 3  ? -15.137 0.227   4.580   1.00 0.64 ? 14 DC  B "C2'"  1 
ATOM   444 C "C1'"  . DC  B 2 3  ? -15.097 -0.634  5.833   1.00 0.60 ? 14 DC  B "C1'"  1 
ATOM   445 N N1     . DC  B 2 3  ? -14.000 -1.637  5.793   1.00 0.59 ? 14 DC  B N1     1 
ATOM   446 C C2     . DC  B 2 3  ? -13.086 -1.634  6.843   1.00 0.54 ? 14 DC  B C2     1 
ATOM   447 O O2     . DC  B 2 3  ? -13.157 -0.784  7.727   1.00 0.50 ? 14 DC  B O2     1 
ATOM   448 N N3     . DC  B 2 3  ? -12.116 -2.591  6.858   1.00 0.55 ? 14 DC  B N3     1 
ATOM   449 C C4     . DC  B 2 3  ? -12.036 -3.511  5.890   1.00 0.62 ? 14 DC  B C4     1 
ATOM   450 N N4     . DC  B 2 3  ? -11.079 -4.443  5.950   1.00 0.65 ? 14 DC  B N4     1 
ATOM   451 C C5     . DC  B 2 3  ? -12.967 -3.517  4.805   1.00 0.67 ? 14 DC  B C5     1 
ATOM   452 C C6     . DC  B 2 3  ? -13.927 -2.567  4.793   1.00 0.65 ? 14 DC  B C6     1 
ATOM   453 H "H5'"  . DC  B 2 3  ? -18.415 -2.552  4.824   1.00 0.86 ? 14 DC  B "H5'"  1 
ATOM   454 H "H5''" . DC  B 2 3  ? -18.793 -1.340  3.582   1.00 0.92 ? 14 DC  B "H5''" 1 
ATOM   455 H "H4'"  . DC  B 2 3  ? -18.094 -0.184  5.582   1.00 0.79 ? 14 DC  B "H4'"  1 
ATOM   456 H "H3'"  . DC  B 2 3  ? -16.660 -0.027  3.090   1.00 0.76 ? 14 DC  B "H3'"  1 
ATOM   457 H "H2'"  . DC  B 2 3  ? -14.526 -0.223  3.797   1.00 0.67 ? 14 DC  B "H2'"  1 
ATOM   458 H "H2''" . DC  B 2 3  ? -14.771 1.224   4.808   1.00 0.62 ? 14 DC  B "H2''" 1 
ATOM   459 H "H1'"  . DC  B 2 3  ? -14.951 0.015   6.698   1.00 0.58 ? 14 DC  B "H1'"  1 
ATOM   460 H H41    . DC  B 2 3  ? -10.423 -4.445  6.719   1.00 0.63 ? 14 DC  B H41    1 
ATOM   461 H H42    . DC  B 2 3  ? -11.014 -5.148  5.228   1.00 0.71 ? 14 DC  B H42    1 
ATOM   462 H H5     . DC  B 2 3  ? -12.906 -4.265  4.015   1.00 0.73 ? 14 DC  B H5     1 
ATOM   463 H H6     . DC  B 2 3  ? -14.647 -2.539  3.978   1.00 0.70 ? 14 DC  B H6     1 
ATOM   464 P P      . DC  B 2 4  ? -16.298 2.939   3.999   1.00 0.89 ? 15 DC  B P      1 
ATOM   465 O OP1    . DC  B 2 4  ? -17.165 4.117   4.218   1.00 1.75 ? 15 DC  B OP1    1 
ATOM   466 O OP2    . DC  B 2 4  ? -15.595 2.779   2.707   1.00 1.72 ? 15 DC  B OP2    1 
ATOM   467 O "O5'"  . DC  B 2 4  ? -15.214 2.900   5.182   1.00 0.77 ? 15 DC  B "O5'"  1 
ATOM   468 C "C5'"  . DC  B 2 4  ? -15.590 3.300   6.498   1.00 0.82 ? 15 DC  B "C5'"  1 
ATOM   469 C "C4'"  . DC  B 2 4  ? -14.384 3.726   7.322   1.00 0.73 ? 15 DC  B "C4'"  1 
ATOM   470 O "O4'"  . DC  B 2 4  ? -13.514 2.610   7.580   1.00 0.70 ? 15 DC  B "O4'"  1 
ATOM   471 C "C3'"  . DC  B 2 4  ? -13.597 4.813   6.616   1.00 0.68 ? 15 DC  B "C3'"  1 
ATOM   472 O "O3'"  . DC  B 2 4  ? -13.696 6.030   7.413   1.00 0.73 ? 15 DC  B "O3'"  1 
ATOM   473 C "C2'"  . DC  B 2 4  ? -12.184 4.267   6.484   1.00 0.60 ? 15 DC  B "C2'"  1 
ATOM   474 C "C1'"  . DC  B 2 4  ? -12.163 2.923   7.207   1.00 0.62 ? 15 DC  B "C1'"  1 
ATOM   475 N N1     . DC  B 2 4  ? -11.605 1.817   6.380   1.00 0.59 ? 15 DC  B N1     1 
ATOM   476 C C2     . DC  B 2 4  ? -10.536 1.105   6.911   1.00 0.60 ? 15 DC  B C2     1 
ATOM   477 O O2     . DC  B 2 4  ? -10.046 1.438   7.986   1.00 0.63 ? 15 DC  B O2     1 
ATOM   478 N N3     . DC  B 2 4  ? -10.058 0.036   6.218   1.00 0.60 ? 15 DC  B N3     1 
ATOM   479 C C4     . DC  B 2 4  ? -10.593 -0.331  5.049   1.00 0.60 ? 15 DC  B C4     1 
ATOM   480 N N4     . DC  B 2 4  ? -10.087 -1.386  4.403   1.00 0.63 ? 15 DC  B N4     1 
ATOM   481 C C5     . DC  B 2 4  ? -11.691 0.395   4.486   1.00 0.61 ? 15 DC  B C5     1 
ATOM   482 C C6     . DC  B 2 4  ? -12.164 1.458   5.179   1.00 0.60 ? 15 DC  B C6     1 
ATOM   483 H "H5'"  . DC  B 2 4  ? -16.088 2.468   6.997   1.00 0.89 ? 15 DC  B "H5'"  1 
ATOM   484 H "H5''" . DC  B 2 4  ? -16.284 4.138   6.426   1.00 0.91 ? 15 DC  B "H5''" 1 
ATOM   485 H "H4'"  . DC  B 2 4  ? -14.733 4.122   8.273   1.00 0.80 ? 15 DC  B "H4'"  1 
ATOM   486 H "H3'"  . DC  B 2 4  ? -14.018 4.971   5.618   1.00 0.73 ? 15 DC  B "H3'"  1 
ATOM   487 H "H2'"  . DC  B 2 4  ? -11.928 4.133   5.431   1.00 0.59 ? 15 DC  B "H2'"  1 
ATOM   488 H "H2''" . DC  B 2 4  ? -11.481 4.950   6.953   1.00 0.61 ? 15 DC  B "H2''" 1 
ATOM   489 H "H1'"  . DC  B 2 4  ? -11.565 3.023   8.115   1.00 0.65 ? 15 DC  B "H1'"  1 
ATOM   490 H H41    . DC  B 2 4  ? -9.318  -1.904  4.807   1.00 0.64 ? 15 DC  B H41    1 
ATOM   491 H H42    . DC  B 2 4  ? -10.477 -1.673  3.516   1.00 0.65 ? 15 DC  B H42    1 
ATOM   492 H H5     . DC  B 2 4  ? -12.139 0.091   3.540   1.00 0.64 ? 15 DC  B H5     1 
ATOM   493 H H6     . DC  B 2 4  ? -12.998 2.033   4.776   1.00 0.61 ? 15 DC  B H6     1 
ATOM   494 P P      . DA  B 2 5  ? -12.495 7.104   7.612   1.00 1.09 ? 16 DA  B P      1 
ATOM   495 O OP1    . DA  B 2 5  ? -12.889 8.032   8.718   1.00 2.03 ? 16 DA  B OP1    1 
ATOM   496 O OP2    . DA  B 2 5  ? -12.142 7.633   6.274   1.00 1.91 ? 16 DA  B OP2    1 
ATOM   497 O "O5'"  . DA  B 2 5  ? -11.257 6.208   8.134   1.00 0.90 ? 16 DA  B "O5'"  1 
ATOM   498 C "C5'"  . DA  B 2 5  ? -10.694 6.420   9.439   1.00 0.75 ? 16 DA  B "C5'"  1 
ATOM   499 C "C4'"  . DA  B 2 5  ? -9.174  6.217   9.462   1.00 0.65 ? 16 DA  B "C4'"  1 
ATOM   500 O "O4'"  . DA  B 2 5  ? -8.819  4.963   8.844   1.00 0.62 ? 16 DA  B "O4'"  1 
ATOM   501 C "C3'"  . DA  B 2 5  ? -8.429  7.333   8.727   1.00 0.62 ? 16 DA  B "C3'"  1 
ATOM   502 O "O3'"  . DA  B 2 5  ? -7.474  7.953   9.615   1.00 0.62 ? 16 DA  B "O3'"  1 
ATOM   503 C "C2'"  . DA  B 2 5  ? -7.745  6.658   7.565   1.00 0.56 ? 16 DA  B "C2'"  1 
ATOM   504 C "C1'"  . DA  B 2 5  ? -7.798  5.172   7.852   1.00 0.56 ? 16 DA  B "C1'"  1 
ATOM   505 N N9     . DA  B 2 5  ? -8.089  4.401   6.633   1.00 0.56 ? 16 DA  B N9     1 
ATOM   506 C C8     . DA  B 2 5  ? -9.011  4.618   5.663   1.00 0.57 ? 16 DA  B C8     1 
ATOM   507 N N7     . DA  B 2 5  ? -9.084  3.753   4.709   1.00 0.57 ? 16 DA  B N7     1 
ATOM   508 C C5     . DA  B 2 5  ? -8.090  2.843   5.080   1.00 0.56 ? 16 DA  B C5     1 
ATOM   509 C C6     . DA  B 2 5  ? -7.626  1.661   4.501   1.00 0.58 ? 16 DA  B C6     1 
ATOM   510 N N6     . DA  B 2 5  ? -8.128  1.159   3.375   1.00 0.60 ? 16 DA  B N6     1 
ATOM   511 N N1     . DA  B 2 5  ? -6.633  1.012   5.131   1.00 0.59 ? 16 DA  B N1     1 
ATOM   512 C C2     . DA  B 2 5  ? -6.121  1.495   6.266   1.00 0.58 ? 16 DA  B C2     1 
ATOM   513 N N3     . DA  B 2 5  ? -6.483  2.603   6.899   1.00 0.56 ? 16 DA  B N3     1 
ATOM   514 C C4     . DA  B 2 5  ? -7.481  3.233   6.248   1.00 0.55 ? 16 DA  B C4     1 
ATOM   515 H "H5'"  . DA  B 2 5  ? -11.151 5.716   10.135  1.00 0.89 ? 16 DA  B "H5'"  1 
ATOM   516 H "H5''" . DA  B 2 5  ? -10.920 7.436   9.768   1.00 0.99 ? 16 DA  B "H5''" 1 
ATOM   517 H "H4'"  . DA  B 2 5  ? -8.839  6.202   10.499  1.00 0.69 ? 16 DA  B "H4'"  1 
ATOM   518 H "H3'"  . DA  B 2 5  ? -9.139  8.075   8.355   1.00 0.68 ? 16 DA  B "H3'"  1 
ATOM   519 H "H2'"  . DA  B 2 5  ? -8.279  6.880   6.641   1.00 0.57 ? 16 DA  B "H2'"  1 
ATOM   520 H "H2''" . DA  B 2 5  ? -6.711  6.986   7.484   1.00 0.55 ? 16 DA  B "H2''" 1 
ATOM   521 H "H1'"  . DA  B 2 5  ? -6.837  4.855   8.254   1.00 0.56 ? 16 DA  B "H1'"  1 
ATOM   522 H H8     . DA  B 2 5  ? -9.663  5.491   5.686   1.00 0.59 ? 16 DA  B H8     1 
ATOM   523 H H61    . DA  B 2 5  ? -7.761  0.296   3.000   1.00 0.62 ? 16 DA  B H61    1 
ATOM   524 H H62    . DA  B 2 5  ? -8.876  1.641   2.897   1.00 0.60 ? 16 DA  B H62    1 
ATOM   525 H H2     . DA  B 2 5  ? -5.318  0.915   6.721   1.00 0.60 ? 16 DA  B H2     1 
ATOM   526 P P      . DC  B 2 6  ? -6.196  8.795   9.079   1.00 0.83 ? 17 DC  B P      1 
ATOM   527 O OP1    . DC  B 2 6  ? -5.707  9.640   10.192  1.00 1.39 ? 17 DC  B OP1    1 
ATOM   528 O OP2    . DC  B 2 6  ? -6.550  9.422   7.788   1.00 1.90 ? 17 DC  B OP2    1 
ATOM   529 O "O5'"  . DC  B 2 6  ? -5.089  7.650   8.795   1.00 0.65 ? 17 DC  B "O5'"  1 
ATOM   530 C "C5'"  . DC  B 2 6  ? -4.487  6.924   9.875   1.00 0.65 ? 17 DC  B "C5'"  1 
ATOM   531 C "C4'"  . DC  B 2 6  ? -3.351  6.012   9.394   1.00 0.56 ? 17 DC  B "C4'"  1 
ATOM   532 O "O4'"  . DC  B 2 6  ? -3.857  5.044   8.449   1.00 0.54 ? 17 DC  B "O4'"  1 
ATOM   533 C "C3'"  . DC  B 2 6  ? -2.231  6.803   8.707   1.00 0.53 ? 17 DC  B "C3'"  1 
ATOM   534 O "O3'"  . DC  B 2 6  ? -0.950  6.501   9.302   1.00 0.57 ? 17 DC  B "O3'"  1 
ATOM   535 C "C2'"  . DC  B 2 6  ? -2.264  6.367   7.266   1.00 0.48 ? 17 DC  B "C2'"  1 
ATOM   536 C "C1'"  . DC  B 2 6  ? -3.098  5.100   7.226   1.00 0.49 ? 17 DC  B "C1'"  1 
ATOM   537 N N1     . DC  B 2 6  ? -3.989  5.074   6.045   1.00 0.45 ? 17 DC  B N1     1 
ATOM   538 C C2     . DC  B 2 6  ? -3.937  3.950   5.236   1.00 0.47 ? 17 DC  B C2     1 
ATOM   539 O O2     . DC  B 2 6  ? -3.148  3.042   5.488   1.00 0.51 ? 17 DC  B O2     1 
ATOM   540 N N3     . DC  B 2 6  ? -4.766  3.888   4.162   1.00 0.45 ? 17 DC  B N3     1 
ATOM   541 C C4     . DC  B 2 6  ? -5.613  4.886   3.884   1.00 0.44 ? 17 DC  B C4     1 
ATOM   542 N N4     . DC  B 2 6  ? -6.426  4.777   2.835   1.00 0.45 ? 17 DC  B N4     1 
ATOM   543 C C5     . DC  B 2 6  ? -5.668  6.054   4.711   1.00 0.44 ? 17 DC  B C5     1 
ATOM   544 C C6     . DC  B 2 6  ? -4.844  6.106   5.775   1.00 0.45 ? 17 DC  B C6     1 
ATOM   545 H "H5'"  . DC  B 2 6  ? -5.252  6.310   10.351  1.00 0.74 ? 17 DC  B "H5'"  1 
ATOM   546 H "H5''" . DC  B 2 6  ? -4.094  7.630   10.607  1.00 0.70 ? 17 DC  B "H5''" 1 
ATOM   547 H "H4'"  . DC  B 2 6  ? -2.937  5.481   10.251  1.00 0.63 ? 17 DC  B "H4'"  1 
ATOM   548 H "H3'"  . DC  B 2 6  ? -2.437  7.873   8.774   1.00 0.58 ? 17 DC  B "H3'"  1 
ATOM   549 H "H2'"  . DC  B 2 6  ? -2.726  7.141   6.657   1.00 0.47 ? 17 DC  B "H2'"  1 
ATOM   550 H "H2''" . DC  B 2 6  ? -1.255  6.160   6.908   1.00 0.48 ? 17 DC  B "H2''" 1 
ATOM   551 H "H1'"  . DC  B 2 6  ? -2.432  4.240   7.186   1.00 0.53 ? 17 DC  B "H1'"  1 
ATOM   552 H H41    . DC  B 2 6  ? -6.389  3.951   2.254   1.00 0.46 ? 17 DC  B H41    1 
ATOM   553 H H42    . DC  B 2 6  ? -7.080  5.516   2.622   1.00 0.46 ? 17 DC  B H42    1 
ATOM   554 H H5     . DC  B 2 6  ? -6.348  6.873   4.483   1.00 0.47 ? 17 DC  B H5     1 
ATOM   555 H H6     . DC  B 2 6  ? -4.856  6.982   6.425   1.00 0.48 ? 17 DC  B H6     1 
ATOM   556 P P      . DC  B 2 7  ? 0.436   7.062   8.665   1.00 1.06 ? 18 DC  B P      1 
ATOM   557 O OP1    . DC  B 2 7  ? 1.509   6.918   9.678   1.00 1.54 ? 18 DC  B OP1    1 
ATOM   558 O OP2    . DC  B 2 7  ? 0.167   8.388   8.073   1.00 2.19 ? 18 DC  B OP2    1 
ATOM   559 O "O5'"  . DC  B 2 7  ? 0.737   6.033   7.455   1.00 0.81 ? 18 DC  B "O5'"  1 
ATOM   560 C "C5'"  . DC  B 2 7  ? 1.512   4.845   7.662   1.00 0.74 ? 18 DC  B "C5'"  1 
ATOM   561 C "C4'"  . DC  B 2 7  ? 2.165   4.356   6.362   1.00 0.65 ? 18 DC  B "C4'"  1 
ATOM   562 O "O4'"  . DC  B 2 7  ? 1.155   3.968   5.395   1.00 0.59 ? 18 DC  B "O4'"  1 
ATOM   563 C "C3'"  . DC  B 2 7  ? 3.010   5.463   5.733   1.00 0.61 ? 18 DC  B "C3'"  1 
ATOM   564 O "O3'"  . DC  B 2 7  ? 4.323   4.996   5.360   1.00 0.66 ? 18 DC  B "O3'"  1 
ATOM   565 C "C2'"  . DC  B 2 7  ? 2.251   5.879   4.511   1.00 0.52 ? 18 DC  B "C2'"  1 
ATOM   566 C "C1'"  . DC  B 2 7  ? 1.357   4.703   4.171   1.00 0.51 ? 18 DC  B "C1'"  1 
ATOM   567 N N1     . DC  B 2 7  ? 0.069   5.148   3.581   1.00 0.44 ? 18 DC  B N1     1 
ATOM   568 C C2     . DC  B 2 7  ? -0.379  4.484   2.442   1.00 0.43 ? 18 DC  B C2     1 
ATOM   569 O O2     . DC  B 2 7  ? 0.246   3.524   1.991   1.00 0.47 ? 18 DC  B O2     1 
ATOM   570 N N3     . DC  B 2 7  ? -1.523  4.919   1.852   1.00 0.41 ? 18 DC  B N3     1 
ATOM   571 C C4     . DC  B 2 7  ? -2.206  5.959   2.351   1.00 0.39 ? 18 DC  B C4     1 
ATOM   572 N N4     . DC  B 2 7  ? -3.276  6.406   1.694   1.00 0.41 ? 18 DC  B N4     1 
ATOM   573 C C5     . DC  B 2 7  ? -1.758  6.636   3.528   1.00 0.39 ? 18 DC  B C5     1 
ATOM   574 C C6     . DC  B 2 7  ? -0.624  6.201   4.109   1.00 0.41 ? 18 DC  B C6     1 
ATOM   575 H "H5'"  . DC  B 2 7  ? 0.861   4.063   8.051   1.00 0.93 ? 18 DC  B "H5'"  1 
ATOM   576 H "H5''" . DC  B 2 7  ? 2.295   5.052   8.396   1.00 1.01 ? 18 DC  B "H5''" 1 
ATOM   577 H "H4'"  . DC  B 2 7  ? 2.802   3.499   6.583   1.00 0.72 ? 18 DC  B "H4'"  1 
ATOM   578 H "H3'"  . DC  B 2 7  ? 3.089   6.305   6.427   1.00 0.66 ? 18 DC  B "H3'"  1 
ATOM   579 H "H2'"  . DC  B 2 7  ? 1.653   6.760   4.730   1.00 0.50 ? 18 DC  B "H2'"  1 
ATOM   580 H "H2''" . DC  B 2 7  ? 2.939   6.082   3.693   1.00 0.52 ? 18 DC  B "H2''" 1 
ATOM   581 H "H1'"  . DC  B 2 7  ? 1.879   4.063   3.454   1.00 0.52 ? 18 DC  B "H1'"  1 
ATOM   582 H H41    . DC  B 2 7  ? -3.588  5.928   0.865   1.00 1.01 ? 18 DC  B H41    1 
ATOM   583 H H42    . DC  B 2 7  ? -3.765  7.231   2.018   1.00 0.92 ? 18 DC  B H42    1 
ATOM   584 H H5     . DC  B 2 7  ? -2.320  7.476   3.941   1.00 0.39 ? 18 DC  B H5     1 
ATOM   585 H H6     . DC  B 2 7  ? -0.266  6.688   5.013   1.00 0.43 ? 18 DC  B H6     1 
ATOM   586 P P      . DT  B 2 8  ? 5.428   6.056   4.830   1.00 0.68 ? 19 DT  B P      1 
ATOM   587 O OP1    . DT  B 2 8  ? 5.692   5.918   6.284   1.00 1.60 ? 19 DT  B OP1    1 
ATOM   588 O OP2    . DT  B 2 8  ? 6.786   5.764   4.313   1.00 1.31 ? 19 DT  B OP2    1 
ATOM   589 O "O5'"  . DT  B 2 8  ? 4.924   5.040   3.658   1.00 0.64 ? 19 DT  B "O5'"  1 
ATOM   590 C "C5'"  . DT  B 2 8  ? 5.684   3.842   3.371   1.00 0.72 ? 19 DT  B "C5'"  1 
ATOM   591 C "C4'"  . DT  B 2 8  ? 5.691   3.436   1.891   1.00 0.71 ? 19 DT  B "C4'"  1 
ATOM   592 O "O4'"  . DT  B 2 8  ? 4.350   3.316   1.386   1.00 0.61 ? 19 DT  B "O4'"  1 
ATOM   593 C "C3'"  . DT  B 2 8  ? 6.438   4.441   1.018   1.00 0.72 ? 19 DT  B "C3'"  1 
ATOM   594 O "O3'"  . DT  B 2 8  ? 7.673   3.901   0.501   1.00 0.88 ? 19 DT  B "O3'"  1 
ATOM   595 C "C2'"  . DT  B 2 8  ? 5.504   4.787   -0.108  1.00 0.60 ? 19 DT  B "C2'"  1 
ATOM   596 C "C1'"  . DT  B 2 8  ? 4.240   3.981   0.112   1.00 0.54 ? 19 DT  B "C1'"  1 
ATOM   597 N N1     . DT  B 2 8  ? 3.061   4.858   0.084   1.00 0.44 ? 19 DT  B N1     1 
ATOM   598 C C2     . DT  B 2 8  ? 2.113   4.614   -0.886  1.00 0.38 ? 19 DT  B C2     1 
ATOM   599 O O2     . DT  B 2 8  ? 2.233   3.710   -1.707  1.00 0.40 ? 19 DT  B O2     1 
ATOM   600 N N3     . DT  B 2 8  ? 1.027   5.462   -0.893  1.00 0.34 ? 19 DT  B N3     1 
ATOM   601 C C4     . DT  B 2 8  ? 0.812   6.520   -0.031  1.00 0.33 ? 19 DT  B C4     1 
ATOM   602 O O4     . DT  B 2 8  ? -0.195  7.213   -0.133  1.00 0.34 ? 19 DT  B O4     1 
ATOM   603 C C5     . DT  B 2 8  ? 1.858   6.702   0.949   1.00 0.38 ? 19 DT  B C5     1 
ATOM   604 C C7     . DT  B 2 8  ? 1.763   7.859   1.940   1.00 0.41 ? 19 DT  B C7     1 
ATOM   605 C C6     . DT  B 2 8  ? 2.926   5.884   0.980   1.00 0.43 ? 19 DT  B C6     1 
ATOM   606 H "H5'"  . DT  B 2 8  ? 5.271   3.020   3.953   1.00 0.72 ? 19 DT  B "H5'"  1 
ATOM   607 H "H5''" . DT  B 2 8  ? 6.711   4.012   3.688   1.00 0.79 ? 19 DT  B "H5''" 1 
ATOM   608 H "H4'"  . DT  B 2 8  ? 6.178   2.465   1.804   1.00 0.81 ? 19 DT  B "H4'"  1 
ATOM   609 H "H3'"  . DT  B 2 8  ? 6.648   5.340   1.601   1.00 0.74 ? 19 DT  B "H3'"  1 
ATOM   610 H "H2'"  . DT  B 2 8  ? 5.280   5.852   -0.090  1.00 0.58 ? 19 DT  B "H2'"  1 
ATOM   611 H "H2''" . DT  B 2 8  ? 5.955   4.517   -1.063  1.00 0.61 ? 19 DT  B "H2''" 1 
ATOM   612 H "H1'"  . DT  B 2 8  ? 4.148   3.233   -0.672  1.00 0.56 ? 19 DT  B "H1'"  1 
ATOM   613 H H3     . DT  B 2 8  ? 0.318   5.289   -1.592  1.00 0.34 ? 19 DT  B H3     1 
ATOM   614 H H71    . DT  B 2 8  ? 0.758   7.900   2.355   1.00 1.00 ? 19 DT  B H71    1 
ATOM   615 H H72    . DT  B 2 8  ? 1.981   8.794   1.424   1.00 1.08 ? 19 DT  B H72    1 
ATOM   616 H H73    . DT  B 2 8  ? 2.482   7.714   2.743   1.00 1.05 ? 19 DT  B H73    1 
ATOM   617 H H6     . DT  B 2 8  ? 3.697   6.037   1.738   1.00 0.49 ? 19 DT  B H6     1 
ATOM   618 P P      . DG  B 2 9  ? 7.758   2.576   -0.444  1.00 0.63 ? 20 DG  B P      1 
ATOM   619 O OP1    . DG  B 2 9  ? 7.238   1.427   0.324   1.00 1.61 ? 20 DG  B OP1    1 
ATOM   620 O OP2    . DG  B 2 9  ? 9.133   2.512   -0.988  1.00 1.51 ? 20 DG  B OP2    1 
ATOM   621 O "O5'"  . DG  B 2 9  ? 6.749   2.862   -1.692  1.00 0.55 ? 20 DG  B "O5'"  1 
ATOM   622 C "C5'"  . DG  B 2 9  ? 6.336   1.766   -2.547  1.00 0.58 ? 20 DG  B "C5'"  1 
ATOM   623 C "C4'"  . DG  B 2 9  ? 5.752   2.215   -3.904  1.00 0.54 ? 20 DG  B "C4'"  1 
ATOM   624 O "O4'"  . DG  B 2 9  ? 4.588   3.043   -3.711  1.00 0.48 ? 20 DG  B "O4'"  1 
ATOM   625 C "C3'"  . DG  B 2 9  ? 6.748   2.999   -4.773  1.00 0.54 ? 20 DG  B "C3'"  1 
ATOM   626 O "O3'"  . DG  B 2 9  ? 6.932   2.320   -6.037  1.00 0.58 ? 20 DG  B "O3'"  1 
ATOM   627 C "C2'"  . DG  B 2 9  ? 6.117   4.355   -4.963  1.00 0.49 ? 20 DG  B "C2'"  1 
ATOM   628 C "C1'"  . DG  B 2 9  ? 4.662   4.182   -4.585  1.00 0.45 ? 20 DG  B "C1'"  1 
ATOM   629 N N9     . DG  B 2 9  ? 4.140   5.381   -3.923  1.00 0.42 ? 20 DG  B N9     1 
ATOM   630 C C8     . DG  B 2 9  ? 4.719   6.181   -2.998  1.00 0.47 ? 20 DG  B C8     1 
ATOM   631 N N7     . DG  B 2 9  ? 4.028   7.176   -2.555  1.00 0.45 ? 20 DG  B N7     1 
ATOM   632 C C5     . DG  B 2 9  ? 2.835   7.032   -3.269  1.00 0.37 ? 20 DG  B C5     1 
ATOM   633 C C6     . DG  B 2 9  ? 1.658   7.820   -3.236  1.00 0.34 ? 20 DG  B C6     1 
ATOM   634 O O6     . DG  B 2 9  ? 1.424   8.812   -2.554  1.00 0.37 ? 20 DG  B O6     1 
ATOM   635 N N1     . DG  B 2 9  ? 0.696   7.333   -4.110  1.00 0.32 ? 20 DG  B N1     1 
ATOM   636 C C2     . DG  B 2 9  ? 0.843   6.223   -4.919  1.00 0.32 ? 20 DG  B C2     1 
ATOM   637 N N2     . DG  B 2 9  ? -0.192  5.917   -5.700  1.00 0.37 ? 20 DG  B N2     1 
ATOM   638 N N3     . DG  B 2 9  ? 1.947   5.476   -4.955  1.00 0.34 ? 20 DG  B N3     1 
ATOM   639 C C4     . DG  B 2 9  ? 2.899   5.934   -4.110  1.00 0.35 ? 20 DG  B C4     1 
ATOM   640 H "H5'"  . DG  B 2 9  ? 5.570   1.187   -2.024  1.00 0.61 ? 20 DG  B "H5'"  1 
ATOM   641 H "H5''" . DG  B 2 9  ? 7.194   1.118   -2.730  1.00 0.65 ? 20 DG  B "H5''" 1 
ATOM   642 H "H4'"  . DG  B 2 9  ? 5.447   1.327   -4.458  1.00 0.60 ? 20 DG  B "H4'"  1 
ATOM   643 H "H3'"  . DG  B 2 9  ? 7.702   3.105   -4.253  1.00 0.59 ? 20 DG  B "H3'"  1 
ATOM   644 H "H2'"  . DG  B 2 9  ? 6.592   5.074   -4.297  1.00 0.50 ? 20 DG  B "H2'"  1 
ATOM   645 H "H2''" . DG  B 2 9  ? 6.206   4.687   -5.995  1.00 0.49 ? 20 DG  B "H2''" 1 
ATOM   646 H "H1'"  . DG  B 2 9  ? 4.079   3.982   -5.486  1.00 0.44 ? 20 DG  B "H1'"  1 
ATOM   647 H H8     . DG  B 2 9  ? 5.733   5.995   -2.646  1.00 0.55 ? 20 DG  B H8     1 
ATOM   648 H H1     . DG  B 2 9  ? -0.171  7.846   -4.139  1.00 0.33 ? 20 DG  B H1     1 
ATOM   649 H H21    . DG  B 2 9  ? -1.028  6.482   -5.674  1.00 0.39 ? 20 DG  B H21    1 
ATOM   650 H H22    . DG  B 2 9  ? -0.141  5.119   -6.318  1.00 0.40 ? 20 DG  B H22    1 
ATOM   651 P P      . DC  B 2 10 ? 7.366   3.080   -7.406  1.00 0.57 ? 21 DC  B P      1 
ATOM   652 O OP1    . DC  B 2 10 ? 7.964   2.072   -8.309  1.00 1.64 ? 21 DC  B OP1    1 
ATOM   653 O OP2    . DC  B 2 10 ? 8.157   4.276   -7.054  1.00 1.16 ? 21 DC  B OP2    1 
ATOM   654 O "O5'"  . DC  B 2 10 ? 5.953   3.579   -8.052  1.00 0.53 ? 21 DC  B "O5'"  1 
ATOM   655 C "C5'"  . DC  B 2 10 ? 4.908   2.638   -8.392  1.00 0.51 ? 21 DC  B "C5'"  1 
ATOM   656 C "C4'"  . DC  B 2 10 ? 3.696   3.296   -9.089  1.00 0.45 ? 21 DC  B "C4'"  1 
ATOM   657 O "O4'"  . DC  B 2 10 ? 3.000   4.199   -8.201  1.00 0.43 ? 21 DC  B "O4'"  1 
ATOM   658 C "C3'"  . DC  B 2 10 ? 4.116   4.090   -10.322 1.00 0.48 ? 21 DC  B "C3'"  1 
ATOM   659 O "O3'"  . DC  B 2 10 ? 3.351   3.703   -11.492 1.00 0.56 ? 21 DC  B "O3'"  1 
ATOM   660 C "C2'"  . DC  B 2 10 ? 3.839   5.521   -9.992  1.00 0.45 ? 21 DC  B "C2'"  1 
ATOM   661 C "C1'"  . DC  B 2 10 ? 2.913   5.512   -8.796  1.00 0.41 ? 21 DC  B "C1'"  1 
ATOM   662 N N1     . DC  B 2 10 ? 3.288   6.555   -7.825  1.00 0.37 ? 21 DC  B N1     1 
ATOM   663 C C2     . DC  B 2 10 ? 2.342   7.523   -7.530  1.00 0.36 ? 21 DC  B C2     1 
ATOM   664 O O2     . DC  B 2 10 ? 1.248   7.516   -8.091  1.00 0.37 ? 21 DC  B O2     1 
ATOM   665 N N3     . DC  B 2 10 ? 2.661   8.480   -6.618  1.00 0.36 ? 21 DC  B N3     1 
ATOM   666 C C4     . DC  B 2 10 ? 3.858   8.488   -6.019  1.00 0.41 ? 21 DC  B C4     1 
ATOM   667 N N4     . DC  B 2 10 ? 4.129   9.437   -5.123  1.00 0.47 ? 21 DC  B N4     1 
ATOM   668 C C5     . DC  B 2 10 ? 4.841   7.494   -6.320  1.00 0.44 ? 21 DC  B C5     1 
ATOM   669 C C6     . DC  B 2 10 ? 4.516   6.550   -7.225  1.00 0.41 ? 21 DC  B C6     1 
ATOM   670 H "H5'"  . DC  B 2 10 ? 4.567   2.152   -7.478  1.00 0.72 ? 21 DC  B "H5'"  1 
ATOM   671 H "H5''" . DC  B 2 10 ? 5.319   1.877   -9.059  1.00 0.71 ? 21 DC  B "H5''" 1 
ATOM   672 H "H4'"  . DC  B 2 10 ? 3.005   2.513   -9.401  1.00 0.48 ? 21 DC  B "H4'"  1 
ATOM   673 H "H3'"  . DC  B 2 10 ? 5.183   3.952   -10.513 1.00 0.51 ? 21 DC  B "H3'"  1 
ATOM   674 H "H2'"  . DC  B 2 10 ? 4.768   6.037   -9.748  1.00 0.46 ? 21 DC  B "H2'"  1 
ATOM   675 H "H2''" . DC  B 2 10 ? 3.355   5.997   -10.838 1.00 0.49 ? 21 DC  B "H2''" 1 
ATOM   676 H "H1'"  . DC  B 2 10 ? 1.888   5.687   -9.136  1.00 0.44 ? 21 DC  B "H1'"  1 
ATOM   677 H H41    . DC  B 2 10 ? 3.435   10.140  -4.908  1.00 0.46 ? 21 DC  B H41    1 
ATOM   678 H H42    . DC  B 2 10 ? 5.026   9.454   -4.660  1.00 0.53 ? 21 DC  B H42    1 
ATOM   679 H H5     . DC  B 2 10 ? 5.817   7.497   -5.833  1.00 0.51 ? 21 DC  B H5     1 
ATOM   680 H H6     . DC  B 2 10 ? 5.242   5.779   -7.488  1.00 0.44 ? 21 DC  B H6     1 
ATOM   681 P P      . DC  B 2 11 ? 3.834   4.087   -13.016 1.00 0.66 ? 22 DC  B P      1 
ATOM   682 O OP1    . DC  B 2 11 ? 4.185   5.396   -13.630 1.00 1.60 ? 22 DC  B OP1    1 
ATOM   683 O OP2    . DC  B 2 11 ? 5.173   3.735   -12.482 1.00 1.32 ? 22 DC  B OP2    1 
ATOM   684 O "O5'"  . DC  B 2 11 ? 2.685   5.086   -12.476 1.00 0.63 ? 22 DC  B "O5'"  1 
ATOM   685 C "C5'"  . DC  B 2 11 ? 1.328   4.925   -12.937 1.00 0.98 ? 22 DC  B "C5'"  1 
ATOM   686 C "C4'"  . DC  B 2 11 ? 0.500   6.215   -12.876 1.00 0.88 ? 22 DC  B "C4'"  1 
ATOM   687 O "O4'"  . DC  B 2 11 ? 0.681   6.896   -11.618 1.00 0.69 ? 22 DC  B "O4'"  1 
ATOM   688 C "C3'"  . DC  B 2 11 ? 0.879   7.185   -13.992 1.00 0.94 ? 22 DC  B "C3'"  1 
ATOM   689 O "O3'"  . DC  B 2 11 ? -0.182  7.298   -14.951 1.00 1.04 ? 22 DC  B "O3'"  1 
ATOM   690 C "C2'"  . DC  B 2 11 ? 1.127   8.509   -13.319 1.00 0.81 ? 22 DC  B "C2'"  1 
ATOM   691 C "C1'"  . DC  B 2 11 ? 0.810   8.316   -11.848 1.00 0.66 ? 22 DC  B "C1'"  1 
ATOM   692 N N1     . DC  B 2 11 ? 1.878   8.883   -11.003 1.00 0.58 ? 22 DC  B N1     1 
ATOM   693 C C2     . DC  B 2 11 ? 1.555   9.924   -10.141 1.00 0.57 ? 22 DC  B C2     1 
ATOM   694 O O2     . DC  B 2 11 ? 0.430   10.419  -10.155 1.00 0.62 ? 22 DC  B O2     1 
ATOM   695 N N3     . DC  B 2 11 ? 2.529   10.396  -9.312  1.00 0.55 ? 22 DC  B N3     1 
ATOM   696 C C4     . DC  B 2 11 ? 3.765   9.871   -9.333  1.00 0.55 ? 22 DC  B C4     1 
ATOM   697 N N4     . DC  B 2 11 ? 4.700   10.340  -8.506  1.00 0.59 ? 22 DC  B N4     1 
ATOM   698 C C5     . DC  B 2 11 ? 4.094   8.809   -10.223 1.00 0.55 ? 22 DC  B C5     1 
ATOM   699 C C6     . DC  B 2 11 ? 3.129   8.353   -11.037 1.00 0.57 ? 22 DC  B C6     1 
ATOM   700 H "H5'"  . DC  B 2 11 ? 0.851   4.176   -12.311 1.00 1.27 ? 22 DC  B "H5'"  1 
ATOM   701 H "H5''" . DC  B 2 11 ? 1.335   4.569   -13.974 1.00 1.33 ? 22 DC  B "H5''" 1 
ATOM   702 H "H4'"  . DC  B 2 11 ? -0.553  5.955   -12.984 1.00 0.96 ? 22 DC  B "H4'"  1 
ATOM   703 H "H3'"  . DC  B 2 11 ? 1.794   6.844   -14.485 1.00 1.03 ? 22 DC  B "H3'"  1 
ATOM   704 H "HO3'" . DC  B 2 11 ? -0.161  6.509   -15.498 1.00 1.26 ? 22 DC  B "HO3'" 1 
ATOM   705 H "H2'"  . DC  B 2 11 ? 2.170   8.793   -13.439 1.00 0.85 ? 22 DC  B "H2'"  1 
ATOM   706 H "H2''" . DC  B 2 11 ? 0.479   9.274   -13.746 1.00 0.84 ? 22 DC  B "H2''" 1 
ATOM   707 H "H1'"  . DC  B 2 11 ? -0.139  8.804   -11.613 1.00 0.65 ? 22 DC  B "H1'"  1 
ATOM   708 H H41    . DC  B 2 11 ? 4.482   11.094  -7.869  1.00 0.62 ? 22 DC  B H41    1 
ATOM   709 H H42    . DC  B 2 11 ? 5.627   9.939   -8.515  1.00 0.63 ? 22 DC  B H42    1 
ATOM   710 H H5     . DC  B 2 11 ? 5.091   8.373   -10.234 1.00 0.59 ? 22 DC  B H5     1 
ATOM   711 H H6     . DC  B 2 11 ? 3.359   7.571   -11.757 1.00 0.60 ? 22 DC  B H6     1 
# 
